data_4Q0N
#
_entry.id   4Q0N
#
_cell.length_a   42.021
_cell.length_b   136.722
_cell.length_c   114.413
_cell.angle_alpha   90.000
_cell.angle_beta   91.400
_cell.angle_gamma   90.000
#
_symmetry.space_group_name_H-M   'P 1 21 1'
#
loop_
_entity.id
_entity.type
_entity.pdbx_description
1 polymer 'Protein polybromo-1'
2 non-polymer 1,2-ETHANEDIOL
3 non-polymer (2E)-1-(2-hydroxyphenyl)-3-(2,4,5,7-tetrahydro-6H-pyrazolo[3,4-c]pyridin-6-yl)prop-2-en-1-one
4 water water
#
_entity_poly.entity_id   1
_entity_poly.type   'polypeptide(L)'
_entity_poly.pdbx_seq_one_letter_code
;MHHHHHHSSGVDLGTENLYFQSMSGISPKKSKYMTPMQQKLNEVYEAVKNYTDKRGRRLSAIFLRLPSRSELPDYYLTIK
KPMDMEKIRSHMMANKYQDIDSMVEDFVMMFNNACTYNEPESLIYKDALVLHKVLLETRRDLEGD
;
_entity_poly.pdbx_strand_id   A,B,C,D,E,F,G,H
#
loop_
_chem_comp.id
_chem_comp.type
_chem_comp.name
_chem_comp.formula
2XD non-polymer (2E)-1-(2-hydroxyphenyl)-3-(2,4,5,7-tetrahydro-6H-pyrazolo[3,4-c]pyridin-6-yl)prop-2-en-1-one 'C15 H15 N3 O2'
EDO non-polymer 1,2-ETHANEDIOL 'C2 H6 O2'
#
# COMPACT_ATOMS: atom_id res chain seq x y z
N SER A 31 5.80 -1.69 -23.31
CA SER A 31 6.79 -1.37 -22.23
C SER A 31 7.77 -0.28 -22.65
N LYS A 32 7.96 -0.05 -23.96
CA LYS A 32 8.75 1.12 -24.45
C LYS A 32 7.88 2.34 -24.67
N TYR A 33 6.56 2.16 -24.63
CA TYR A 33 5.60 3.25 -24.79
C TYR A 33 5.29 3.86 -23.44
N MET A 34 5.35 5.16 -23.35
CA MET A 34 5.05 5.84 -22.12
C MET A 34 3.56 6.00 -21.94
N THR A 35 3.09 5.78 -20.72
CA THR A 35 1.69 6.03 -20.41
C THR A 35 1.38 7.52 -20.46
N PRO A 36 0.09 7.89 -20.53
CA PRO A 36 -0.26 9.31 -20.45
C PRO A 36 0.29 9.99 -19.16
N MET A 37 0.23 9.29 -18.04
CA MET A 37 0.74 9.88 -16.78
C MET A 37 2.25 10.10 -16.92
N GLN A 38 2.95 9.15 -17.51
CA GLN A 38 4.37 9.27 -17.69
C GLN A 38 4.74 10.46 -18.60
N GLN A 39 3.91 10.70 -19.61
CA GLN A 39 4.13 11.82 -20.52
C GLN A 39 3.83 13.18 -19.85
N LYS A 40 2.79 13.22 -19.04
CA LYS A 40 2.44 14.42 -18.28
C LYS A 40 3.60 14.72 -17.28
N LEU A 41 4.08 13.71 -16.55
CA LEU A 41 5.21 13.92 -15.60
C LEU A 41 6.39 14.54 -16.30
N ASN A 42 6.75 13.95 -17.44
CA ASN A 42 7.84 14.44 -18.24
C ASN A 42 7.63 15.87 -18.72
N GLU A 43 6.41 16.20 -19.13
CA GLU A 43 6.08 17.59 -19.52
C GLU A 43 6.26 18.64 -18.39
N VAL A 44 5.78 18.30 -17.22
CA VAL A 44 5.92 19.19 -16.07
C VAL A 44 7.38 19.39 -15.74
N TYR A 45 8.15 18.29 -15.67
CA TYR A 45 9.58 18.34 -15.39
C TYR A 45 10.30 19.21 -16.41
N GLU A 46 9.99 19.05 -17.69
CA GLU A 46 10.66 19.84 -18.73
C GLU A 46 10.21 21.30 -18.70
N ALA A 47 8.99 21.57 -18.23
CA ALA A 47 8.48 22.95 -18.14
C ALA A 47 9.32 23.75 -17.15
N VAL A 48 9.60 23.15 -16.03
CA VAL A 48 10.45 23.78 -15.02
C VAL A 48 11.89 23.87 -15.53
N LYS A 49 12.42 22.75 -16.02
CA LYS A 49 13.80 22.72 -16.46
CA LYS A 49 13.79 22.69 -16.50
C LYS A 49 14.08 23.73 -17.55
N ASN A 50 13.12 23.93 -18.47
CA ASN A 50 13.36 24.73 -19.67
C ASN A 50 12.87 26.15 -19.57
N TYR A 51 12.25 26.53 -18.47
CA TYR A 51 11.73 27.85 -18.36
C TYR A 51 12.91 28.86 -18.55
N THR A 52 12.70 29.85 -19.39
CA THR A 52 13.70 30.93 -19.60
C THR A 52 13.09 32.26 -19.27
N ASP A 53 13.89 33.15 -18.69
CA ASP A 53 13.38 34.49 -18.42
C ASP A 53 13.48 35.32 -19.74
N LYS A 54 13.12 36.59 -19.69
CA LYS A 54 13.22 37.46 -20.89
C LYS A 54 14.64 37.66 -21.45
N ARG A 55 15.67 37.35 -20.67
CA ARG A 55 17.07 37.46 -21.16
C ARG A 55 17.62 36.17 -21.73
N GLY A 56 16.81 35.13 -21.67
CA GLY A 56 17.20 33.80 -22.12
C GLY A 56 17.98 33.00 -21.10
N ARG A 57 17.93 33.40 -19.82
CA ARG A 57 18.52 32.58 -18.78
C ARG A 57 17.55 31.42 -18.33
N ARG A 58 18.08 30.23 -18.22
CA ARG A 58 17.34 29.12 -17.64
CA ARG A 58 17.31 29.14 -17.63
C ARG A 58 17.55 29.11 -16.12
N LEU A 59 16.52 29.52 -15.42
CA LEU A 59 16.58 29.60 -13.94
C LEU A 59 16.82 28.28 -13.26
N SER A 60 16.49 27.16 -13.95
CA SER A 60 16.75 25.81 -13.37
C SER A 60 18.22 25.44 -13.13
N ALA A 61 19.19 26.14 -13.73
CA ALA A 61 20.59 25.64 -13.73
C ALA A 61 21.23 25.27 -12.39
N ILE A 62 21.10 26.18 -11.45
CA ILE A 62 21.62 25.97 -10.08
C ILE A 62 20.95 24.77 -9.39
N PHE A 63 19.68 24.53 -9.73
CA PHE A 63 18.86 23.51 -9.07
C PHE A 63 19.06 22.09 -9.62
N LEU A 64 19.81 21.92 -10.72
CA LEU A 64 19.95 20.61 -11.32
C LEU A 64 20.69 19.66 -10.35
N ARG A 65 21.75 20.18 -9.75
CA ARG A 65 22.57 19.34 -8.89
C ARG A 65 23.05 20.16 -7.66
N LEU A 66 22.72 19.65 -6.48
CA LEU A 66 23.15 20.26 -5.23
C LEU A 66 24.71 20.25 -5.13
N PRO A 67 25.28 21.23 -4.43
CA PRO A 67 26.66 21.14 -4.02
C PRO A 67 26.84 19.87 -3.24
N SER A 68 28.02 19.28 -3.34
CA SER A 68 28.32 18.06 -2.60
C SER A 68 28.35 18.26 -1.08
N ARG A 69 28.20 17.14 -0.35
CA ARG A 69 28.31 17.13 1.11
C ARG A 69 29.71 17.55 1.54
N SER A 70 30.75 17.25 0.75
CA SER A 70 32.07 17.74 1.14
C SER A 70 32.22 19.24 0.97
N GLU A 71 31.59 19.82 -0.03
CA GLU A 71 31.75 21.25 -0.30
C GLU A 71 30.92 22.06 0.68
N LEU A 72 29.72 21.59 0.97
CA LEU A 72 28.81 22.46 1.68
C LEU A 72 28.18 21.78 2.84
N PRO A 73 28.98 21.48 3.89
CA PRO A 73 28.38 20.72 4.96
C PRO A 73 27.32 21.47 5.68
N ASP A 74 27.40 22.80 5.78
CA ASP A 74 26.39 23.53 6.54
C ASP A 74 25.03 23.43 5.84
N TYR A 75 25.01 23.17 4.53
CA TYR A 75 23.72 22.88 3.84
C TYR A 75 23.03 21.67 4.44
N TYR A 76 23.79 20.58 4.54
CA TYR A 76 23.23 19.30 4.98
C TYR A 76 22.97 19.12 6.48
N LEU A 77 23.61 19.95 7.27
CA LEU A 77 23.33 20.03 8.70
C LEU A 77 22.09 20.89 8.98
N THR A 78 21.66 21.69 8.01
CA THR A 78 20.51 22.63 8.10
C THR A 78 19.23 22.09 7.42
N ILE A 79 19.43 21.60 6.19
CA ILE A 79 18.35 21.11 5.35
C ILE A 79 18.21 19.61 5.52
N LYS A 80 17.12 19.18 6.13
CA LYS A 80 16.95 17.76 6.54
C LYS A 80 16.64 16.81 5.43
N LYS A 81 15.99 17.31 4.39
CA LYS A 81 15.50 16.51 3.28
C LYS A 81 15.97 17.13 1.96
N PRO A 82 17.26 16.95 1.67
CA PRO A 82 17.87 17.49 0.43
C PRO A 82 17.17 16.95 -0.83
N MET A 83 16.99 17.85 -1.79
CA MET A 83 16.35 17.52 -3.09
C MET A 83 16.94 18.38 -4.18
N ASP A 84 17.17 17.76 -5.37
CA ASP A 84 17.60 18.49 -6.56
C ASP A 84 16.90 17.86 -7.79
N MET A 85 17.03 18.49 -8.92
CA MET A 85 16.31 18.02 -10.09
C MET A 85 16.89 16.73 -10.64
N GLU A 86 18.18 16.45 -10.36
CA GLU A 86 18.77 15.13 -10.67
C GLU A 86 18.04 14.02 -9.93
N LYS A 87 17.77 14.25 -8.65
CA LYS A 87 17.04 13.26 -7.87
C LYS A 87 15.59 13.12 -8.38
N ILE A 88 14.92 14.23 -8.71
CA ILE A 88 13.55 14.18 -9.23
C ILE A 88 13.52 13.40 -10.54
N ARG A 89 14.46 13.69 -11.43
CA ARG A 89 14.53 12.97 -12.70
C ARG A 89 14.75 11.45 -12.49
N SER A 90 15.61 11.09 -11.55
CA SER A 90 15.88 9.68 -11.20
C SER A 90 14.65 8.94 -10.69
N HIS A 91 13.90 9.55 -9.78
CA HIS A 91 12.62 9.05 -9.29
C HIS A 91 11.67 8.87 -10.49
N MET A 92 11.73 9.78 -11.46
CA MET A 92 10.79 9.80 -12.59
C MET A 92 11.10 8.61 -13.52
N MET A 93 12.38 8.38 -13.78
CA MET A 93 12.81 7.24 -14.62
C MET A 93 12.61 5.87 -13.97
N ALA A 94 12.91 5.72 -12.69
CA ALA A 94 12.51 4.51 -11.94
C ALA A 94 10.98 4.38 -11.74
N ASN A 95 10.18 5.28 -12.32
CA ASN A 95 8.72 5.27 -12.15
C ASN A 95 8.22 5.28 -10.74
N LYS A 96 8.88 6.05 -9.89
CA LYS A 96 8.44 6.16 -8.52
C LYS A 96 7.31 7.18 -8.38
N TYR A 97 7.06 8.02 -9.37
CA TYR A 97 5.92 8.98 -9.23
C TYR A 97 4.71 8.31 -9.85
N GLN A 98 3.69 8.10 -9.03
CA GLN A 98 2.43 7.49 -9.49
C GLN A 98 1.39 8.56 -9.84
N ASP A 99 1.66 9.80 -9.48
CA ASP A 99 0.80 10.92 -9.90
C ASP A 99 1.60 12.21 -9.96
N ILE A 100 0.97 13.26 -10.49
CA ILE A 100 1.59 14.56 -10.70
C ILE A 100 1.86 15.28 -9.37
N ASP A 101 0.92 15.21 -8.43
CA ASP A 101 1.13 15.87 -7.11
C ASP A 101 2.36 15.30 -6.39
N SER A 102 2.70 14.03 -6.60
CA SER A 102 3.91 13.48 -5.93
C SER A 102 5.17 14.14 -6.43
N MET A 103 5.18 14.39 -7.73
CA MET A 103 6.30 15.09 -8.34
C MET A 103 6.30 16.56 -7.89
N VAL A 104 5.13 17.22 -7.93
CA VAL A 104 5.05 18.63 -7.50
C VAL A 104 5.59 18.77 -6.07
N GLU A 105 5.24 17.83 -5.21
CA GLU A 105 5.72 17.88 -3.83
C GLU A 105 7.22 17.91 -3.67
N ASP A 106 7.95 17.12 -4.48
CA ASP A 106 9.40 17.11 -4.45
C ASP A 106 9.99 18.43 -5.02
N PHE A 107 9.40 18.96 -6.10
CA PHE A 107 9.82 20.33 -6.58
C PHE A 107 9.65 21.40 -5.48
N VAL A 108 8.49 21.39 -4.86
CA VAL A 108 8.18 22.38 -3.82
C VAL A 108 9.08 22.22 -2.59
N MET A 109 9.40 20.99 -2.19
CA MET A 109 10.42 20.78 -1.18
C MET A 109 11.78 21.36 -1.56
N MET A 110 12.20 21.16 -2.81
CA MET A 110 13.44 21.74 -3.31
C MET A 110 13.47 23.28 -3.24
N PHE A 111 12.40 23.91 -3.69
CA PHE A 111 12.30 25.38 -3.67
C PHE A 111 12.22 25.89 -2.23
N ASN A 112 11.49 25.17 -1.36
CA ASN A 112 11.38 25.54 0.07
C ASN A 112 12.71 25.46 0.73
N ASN A 113 13.48 24.39 0.43
CA ASN A 113 14.84 24.27 0.92
C ASN A 113 15.78 25.38 0.45
N ALA A 114 15.76 25.68 -0.82
CA ALA A 114 16.54 26.78 -1.38
C ALA A 114 16.22 28.10 -0.70
N CYS A 115 14.92 28.32 -0.42
CA CYS A 115 14.49 29.59 0.23
C CYS A 115 14.74 29.56 1.75
N THR A 116 15.08 28.38 2.30
CA THR A 116 15.44 28.31 3.72
C THR A 116 16.96 28.56 3.91
N TYR A 117 17.74 27.99 3.04
CA TYR A 117 19.15 28.08 3.11
C TYR A 117 19.69 29.44 2.64
N ASN A 118 19.16 29.95 1.53
CA ASN A 118 19.65 31.20 0.92
C ASN A 118 18.82 32.36 1.43
N GLU A 119 19.45 33.50 1.54
CA GLU A 119 18.77 34.75 1.98
C GLU A 119 17.75 35.23 0.95
N PRO A 120 16.69 35.97 1.41
CA PRO A 120 15.71 36.54 0.48
C PRO A 120 16.25 37.51 -0.58
N GLU A 121 17.36 38.20 -0.26
CA GLU A 121 18.02 39.09 -1.25
C GLU A 121 18.79 38.34 -2.38
N SER A 122 19.05 37.06 -2.17
CA SER A 122 19.87 36.26 -3.10
C SER A 122 19.15 35.92 -4.40
N LEU A 123 19.95 35.77 -5.45
CA LEU A 123 19.41 35.35 -6.74
C LEU A 123 18.78 33.98 -6.69
N ILE A 124 19.39 33.04 -5.94
CA ILE A 124 18.88 31.68 -5.90
C ILE A 124 17.48 31.68 -5.24
N TYR A 125 17.33 32.42 -4.15
CA TYR A 125 16.00 32.60 -3.50
C TYR A 125 14.98 33.15 -4.47
N LYS A 126 15.30 34.29 -5.10
CA LYS A 126 14.42 34.88 -6.11
C LYS A 126 14.01 33.96 -7.23
N ASP A 127 14.97 33.24 -7.79
CA ASP A 127 14.74 32.31 -8.91
C ASP A 127 13.86 31.12 -8.44
N ALA A 128 14.08 30.63 -7.21
CA ALA A 128 13.16 29.61 -6.63
C ALA A 128 11.72 30.11 -6.57
N LEU A 129 11.48 31.37 -6.19
CA LEU A 129 10.08 31.86 -6.14
C LEU A 129 9.43 31.78 -7.55
N VAL A 130 10.20 32.22 -8.53
CA VAL A 130 9.72 32.25 -9.90
C VAL A 130 9.40 30.86 -10.41
N LEU A 131 10.34 29.92 -10.22
CA LEU A 131 10.11 28.56 -10.64
C LEU A 131 8.97 27.86 -9.91
N HIS A 132 8.76 28.17 -8.63
CA HIS A 132 7.64 27.60 -7.90
C HIS A 132 6.32 28.08 -8.57
N LYS A 133 6.26 29.36 -8.91
CA LYS A 133 5.14 29.90 -9.69
C LYS A 133 4.96 29.23 -11.06
N VAL A 134 6.04 29.04 -11.79
CA VAL A 134 6.02 28.36 -13.08
C VAL A 134 5.48 26.94 -12.92
N LEU A 135 5.92 26.22 -11.87
CA LEU A 135 5.42 24.88 -11.63
C LEU A 135 3.88 24.85 -11.42
N LEU A 136 3.38 25.77 -10.59
CA LEU A 136 1.94 25.81 -10.27
C LEU A 136 1.06 26.18 -11.47
N GLU A 137 1.54 27.11 -12.28
CA GLU A 137 0.94 27.48 -13.58
C GLU A 137 0.88 26.28 -14.57
N THR A 138 2.00 25.59 -14.72
CA THR A 138 2.08 24.40 -15.53
C THR A 138 1.08 23.35 -15.11
N ARG A 139 1.05 23.04 -13.81
CA ARG A 139 0.10 22.04 -13.31
C ARG A 139 -1.34 22.46 -13.65
N ARG A 140 -1.67 23.71 -13.32
CA ARG A 140 -3.02 24.22 -13.62
C ARG A 140 -3.38 24.13 -15.13
N ASP A 141 -2.43 24.42 -16.01
CA ASP A 141 -2.67 24.38 -17.44
C ASP A 141 -2.79 22.97 -17.99
N LEU A 142 -2.30 21.96 -17.28
CA LEU A 142 -2.44 20.58 -17.75
C LEU A 142 -3.64 19.86 -17.12
N GLU A 143 -4.54 20.60 -16.48
CA GLU A 143 -5.69 20.02 -15.79
C GLU A 143 -6.56 19.28 -16.81
N LYS B 32 -19.95 3.58 -13.03
CA LYS B 32 -18.49 3.31 -13.17
C LYS B 32 -18.17 1.84 -12.88
N TYR B 33 -17.32 1.28 -13.72
CA TYR B 33 -16.77 -0.05 -13.55
C TYR B 33 -15.37 0.11 -12.95
N MET B 34 -15.04 -0.68 -11.94
CA MET B 34 -13.76 -0.56 -11.27
C MET B 34 -12.59 -0.97 -12.14
N THR B 35 -11.46 -0.27 -11.99
CA THR B 35 -10.28 -0.64 -12.75
C THR B 35 -9.67 -1.84 -12.05
N PRO B 36 -8.80 -2.59 -12.73
CA PRO B 36 -8.11 -3.67 -12.04
C PRO B 36 -7.39 -3.23 -10.78
N MET B 37 -6.79 -2.04 -10.82
CA MET B 37 -6.12 -1.55 -9.62
C MET B 37 -7.08 -1.40 -8.46
N GLN B 38 -8.20 -0.76 -8.72
CA GLN B 38 -9.23 -0.62 -7.71
C GLN B 38 -9.76 -1.96 -7.21
N GLN B 39 -9.87 -2.95 -8.07
CA GLN B 39 -10.31 -4.26 -7.60
C GLN B 39 -9.25 -4.87 -6.71
N LYS B 40 -8.00 -4.70 -7.10
CA LYS B 40 -6.90 -5.19 -6.28
C LYS B 40 -6.82 -4.52 -4.89
N LEU B 41 -7.01 -3.20 -4.84
CA LEU B 41 -7.11 -2.45 -3.58
C LEU B 41 -8.27 -2.97 -2.74
N ASN B 42 -9.41 -3.20 -3.38
CA ASN B 42 -10.58 -3.66 -2.65
C ASN B 42 -10.32 -5.02 -2.04
N GLU B 43 -9.63 -5.87 -2.77
CA GLU B 43 -9.26 -7.19 -2.25
C GLU B 43 -8.36 -7.12 -1.01
N VAL B 44 -7.38 -6.22 -1.02
CA VAL B 44 -6.52 -5.98 0.15
C VAL B 44 -7.38 -5.51 1.34
N TYR B 45 -8.17 -4.47 1.09
CA TYR B 45 -9.02 -3.90 2.12
C TYR B 45 -9.92 -4.98 2.74
N GLU B 46 -10.55 -5.80 1.91
CA GLU B 46 -11.48 -6.82 2.39
C GLU B 46 -10.79 -7.97 3.12
N ALA B 47 -9.58 -8.33 2.73
CA ALA B 47 -8.84 -9.34 3.48
C ALA B 47 -8.59 -8.83 4.94
N VAL B 48 -8.24 -7.57 5.10
CA VAL B 48 -8.00 -7.04 6.44
C VAL B 48 -9.33 -6.96 7.22
N LYS B 49 -10.35 -6.41 6.59
CA LYS B 49 -11.67 -6.28 7.21
C LYS B 49 -12.24 -7.63 7.65
N ASN B 50 -12.18 -8.64 6.77
CA ASN B 50 -12.87 -9.90 7.03
C ASN B 50 -12.09 -10.96 7.78
N TYR B 51 -10.83 -10.70 8.10
CA TYR B 51 -10.05 -11.68 8.80
C TYR B 51 -10.71 -12.05 10.17
N THR B 52 -10.74 -13.34 10.48
CA THR B 52 -11.29 -13.81 11.75
C THR B 52 -10.33 -14.71 12.49
N ASP B 53 -10.35 -14.62 13.83
CA ASP B 53 -9.54 -15.52 14.65
C ASP B 53 -10.20 -16.89 14.73
N LYS B 54 -9.63 -17.78 15.56
CA LYS B 54 -10.05 -19.18 15.58
C LYS B 54 -11.43 -19.32 16.19
N ARG B 55 -11.86 -18.35 16.99
CA ARG B 55 -13.21 -18.35 17.55
C ARG B 55 -14.25 -17.66 16.64
N GLY B 56 -13.80 -17.10 15.51
CA GLY B 56 -14.71 -16.45 14.59
C GLY B 56 -14.88 -14.95 14.83
N ARG B 57 -14.03 -14.34 15.64
CA ARG B 57 -14.07 -12.88 15.88
C ARG B 57 -13.34 -12.12 14.76
N ARG B 58 -13.99 -11.10 14.21
CA ARG B 58 -13.31 -10.20 13.25
C ARG B 58 -12.54 -9.12 13.99
N LEU B 59 -11.22 -9.18 13.80
CA LEU B 59 -10.31 -8.30 14.55
C LEU B 59 -10.48 -6.87 14.13
N SER B 60 -10.98 -6.64 12.89
CA SER B 60 -11.17 -5.30 12.33
C SER B 60 -12.16 -4.41 13.05
N ALA B 61 -13.01 -4.97 13.91
CA ALA B 61 -14.13 -4.23 14.43
C ALA B 61 -13.78 -2.87 15.06
N ILE B 62 -12.74 -2.84 15.86
CA ILE B 62 -12.38 -1.65 16.61
C ILE B 62 -11.80 -0.61 15.65
N PHE B 63 -11.16 -1.08 14.59
CA PHE B 63 -10.45 -0.20 13.64
C PHE B 63 -11.33 0.40 12.53
N LEU B 64 -12.57 -0.02 12.40
CA LEU B 64 -13.41 0.42 11.29
C LEU B 64 -13.62 1.93 11.36
N ARG B 65 -13.86 2.43 12.57
CA ARG B 65 -14.23 3.81 12.82
C ARG B 65 -13.79 4.31 14.17
N LEU B 66 -12.93 5.34 14.16
CA LEU B 66 -12.53 6.02 15.41
C LEU B 66 -13.70 6.85 15.94
N PRO B 67 -13.83 6.93 17.28
CA PRO B 67 -14.81 7.83 17.87
C PRO B 67 -14.42 9.28 17.48
N SER B 68 -15.36 10.20 17.57
CA SER B 68 -15.04 11.59 17.25
C SER B 68 -14.10 12.18 18.24
N ARG B 69 -13.61 13.35 17.85
CA ARG B 69 -12.80 14.22 18.69
C ARG B 69 -13.48 14.56 20.02
N SER B 70 -14.78 14.85 19.99
CA SER B 70 -15.53 15.09 21.20
C SER B 70 -15.64 13.86 22.07
N GLU B 71 -15.76 12.70 21.43
CA GLU B 71 -15.93 11.42 22.19
C GLU B 71 -14.64 10.87 22.82
N LEU B 72 -13.51 11.04 22.14
CA LEU B 72 -12.20 10.51 22.60
C LEU B 72 -11.08 11.53 22.32
N PRO B 73 -11.15 12.69 22.99
CA PRO B 73 -10.18 13.74 22.67
C PRO B 73 -8.76 13.37 22.94
N ASP B 74 -8.51 12.52 23.95
CA ASP B 74 -7.13 12.19 24.24
C ASP B 74 -6.50 11.38 23.08
N TYR B 75 -7.31 10.70 22.27
CA TYR B 75 -6.76 10.00 21.06
C TYR B 75 -6.12 11.02 20.08
N TYR B 76 -6.89 12.05 19.74
CA TYR B 76 -6.51 13.04 18.75
C TYR B 76 -5.40 13.93 19.23
N LEU B 77 -5.24 14.05 20.56
CA LEU B 77 -4.16 14.85 21.14
C LEU B 77 -2.85 14.08 21.29
N THR B 78 -2.95 12.76 21.26
CA THR B 78 -1.84 11.85 21.42
C THR B 78 -1.26 11.32 20.10
N ILE B 79 -2.09 11.22 19.09
CA ILE B 79 -1.75 10.65 17.78
C ILE B 79 -1.68 11.73 16.68
N LYS B 80 -0.55 11.83 16.01
CA LYS B 80 -0.36 12.90 15.04
C LYS B 80 -1.32 12.87 13.89
N LYS B 81 -1.49 11.71 13.28
CA LYS B 81 -2.30 11.60 12.06
C LYS B 81 -3.29 10.48 12.24
N PRO B 82 -4.46 10.81 12.81
CA PRO B 82 -5.48 9.79 13.01
C PRO B 82 -5.97 9.20 11.70
N MET B 83 -6.24 7.90 11.75
CA MET B 83 -6.61 7.12 10.59
C MET B 83 -7.48 5.97 11.04
N ASP B 84 -8.54 5.68 10.29
CA ASP B 84 -9.33 4.47 10.51
C ASP B 84 -9.70 3.86 9.17
N MET B 85 -10.29 2.65 9.19
CA MET B 85 -10.52 1.92 7.93
C MET B 85 -11.54 2.59 7.07
N GLU B 86 -12.49 3.30 7.69
CA GLU B 86 -13.50 4.01 6.91
C GLU B 86 -12.90 5.18 6.12
N LYS B 87 -11.91 5.84 6.69
CA LYS B 87 -11.19 6.85 5.96
C LYS B 87 -10.43 6.22 4.78
N ILE B 88 -9.81 5.06 5.01
CA ILE B 88 -9.05 4.38 3.95
C ILE B 88 -10.00 3.99 2.82
N ARG B 89 -11.15 3.47 3.22
CA ARG B 89 -12.19 3.11 2.26
C ARG B 89 -12.76 4.28 1.47
N SER B 90 -12.96 5.44 2.10
CA SER B 90 -13.36 6.67 1.38
C SER B 90 -12.27 7.14 0.37
N HIS B 91 -11.00 7.14 0.79
CA HIS B 91 -9.86 7.45 -0.11
C HIS B 91 -9.83 6.48 -1.29
N MET B 92 -9.98 5.17 -1.03
CA MET B 92 -9.89 4.15 -2.07
C MET B 92 -10.87 4.40 -3.21
N MET B 93 -12.04 4.93 -2.87
CA MET B 93 -13.08 5.21 -3.85
C MET B 93 -13.21 6.69 -4.23
N ALA B 94 -12.32 7.53 -3.71
CA ALA B 94 -11.98 8.78 -4.38
C ALA B 94 -10.66 8.57 -5.15
N ASN B 95 -10.48 7.37 -5.72
CA ASN B 95 -9.19 6.90 -6.26
C ASN B 95 -8.01 7.73 -5.84
N LYS B 96 -7.85 7.88 -4.52
CA LYS B 96 -6.73 8.58 -3.95
C LYS B 96 -5.50 7.72 -4.13
N TYR B 97 -5.69 6.41 -4.24
CA TYR B 97 -4.58 5.47 -4.25
C TYR B 97 -4.24 5.06 -5.68
N GLN B 98 -3.04 5.40 -6.15
CA GLN B 98 -2.63 4.95 -7.50
C GLN B 98 -1.92 3.61 -7.47
N ASP B 99 -1.62 3.10 -6.27
CA ASP B 99 -0.98 1.79 -6.17
C ASP B 99 -1.30 1.17 -4.86
N ILE B 100 -0.90 -0.08 -4.71
CA ILE B 100 -1.21 -0.85 -3.51
C ILE B 100 -0.34 -0.39 -2.33
N ASP B 101 0.92 -0.10 -2.58
CA ASP B 101 1.77 0.39 -1.49
C ASP B 101 1.25 1.68 -0.87
N SER B 102 0.53 2.54 -1.63
CA SER B 102 0.01 3.76 -0.99
C SER B 102 -1.08 3.40 0.03
N MET B 103 -1.93 2.46 -0.30
CA MET B 103 -2.95 2.01 0.69
C MET B 103 -2.33 1.33 1.85
N VAL B 104 -1.39 0.42 1.56
CA VAL B 104 -0.65 -0.26 2.63
C VAL B 104 -0.06 0.75 3.66
N GLU B 105 0.47 1.86 3.16
CA GLU B 105 1.10 2.88 4.04
C GLU B 105 0.09 3.45 5.04
N ASP B 106 -1.13 3.71 4.58
CA ASP B 106 -2.20 4.21 5.47
C ASP B 106 -2.64 3.17 6.54
N PHE B 107 -2.69 1.90 6.18
CA PHE B 107 -2.96 0.83 7.16
C PHE B 107 -1.80 0.73 8.18
N VAL B 108 -0.57 0.78 7.71
CA VAL B 108 0.56 0.69 8.60
C VAL B 108 0.57 1.87 9.59
N MET B 109 0.23 3.05 9.10
CA MET B 109 0.08 4.20 9.97
C MET B 109 -0.99 3.97 11.03
N MET B 110 -2.12 3.43 10.60
CA MET B 110 -3.23 3.07 11.50
C MET B 110 -2.81 2.07 12.61
N PHE B 111 -2.07 1.02 12.22
CA PHE B 111 -1.64 0.09 13.20
C PHE B 111 -0.55 0.68 14.12
N ASN B 112 0.36 1.48 13.57
CA ASN B 112 1.31 2.14 14.41
C ASN B 112 0.64 3.06 15.44
N ASN B 113 -0.39 3.76 15.02
CA ASN B 113 -1.16 4.61 15.92
C ASN B 113 -1.85 3.78 17.01
N ALA B 114 -2.42 2.63 16.64
CA ALA B 114 -3.06 1.83 17.66
C ALA B 114 -2.10 1.31 18.70
N CYS B 115 -0.90 0.89 18.27
CA CYS B 115 0.12 0.42 19.21
C CYS B 115 0.81 1.56 19.98
N THR B 116 0.55 2.81 19.60
CA THR B 116 1.01 3.99 20.33
C THR B 116 0.01 4.31 21.42
N TYR B 117 -1.28 4.25 21.10
CA TYR B 117 -2.34 4.75 22.00
C TYR B 117 -2.69 3.72 23.07
N ASN B 118 -2.68 2.46 22.66
CA ASN B 118 -3.01 1.32 23.51
C ASN B 118 -1.78 0.62 24.09
N GLU B 119 -1.98 0.01 25.24
CA GLU B 119 -0.88 -0.63 26.00
C GLU B 119 -0.55 -1.95 25.34
N PRO B 120 0.71 -2.45 25.49
CA PRO B 120 1.11 -3.69 24.85
C PRO B 120 0.26 -4.88 25.30
N GLU B 121 -0.28 -4.81 26.52
CA GLU B 121 -1.06 -5.88 27.12
C GLU B 121 -2.48 -5.97 26.58
N SER B 122 -2.91 -4.90 25.92
CA SER B 122 -4.27 -4.79 25.47
C SER B 122 -4.55 -5.61 24.21
N LEU B 123 -5.81 -6.01 24.08
CA LEU B 123 -6.30 -6.72 22.93
C LEU B 123 -6.20 -5.91 21.65
N ILE B 124 -6.44 -4.60 21.72
CA ILE B 124 -6.35 -3.76 20.56
C ILE B 124 -4.93 -3.72 19.99
N TYR B 125 -3.94 -3.62 20.87
CA TYR B 125 -2.51 -3.67 20.50
C TYR B 125 -2.23 -4.99 19.85
N LYS B 126 -2.68 -6.08 20.48
CA LYS B 126 -2.38 -7.37 19.93
C LYS B 126 -3.05 -7.62 18.58
N ASP B 127 -4.28 -7.13 18.41
CA ASP B 127 -5.04 -7.32 17.16
C ASP B 127 -4.36 -6.55 16.03
N ALA B 128 -3.80 -5.36 16.34
CA ALA B 128 -3.09 -4.53 15.37
C ALA B 128 -1.89 -5.28 14.84
N LEU B 129 -1.19 -6.04 15.71
CA LEU B 129 -0.03 -6.83 15.25
C LEU B 129 -0.46 -7.95 14.29
N VAL B 130 -1.56 -8.61 14.62
CA VAL B 130 -2.07 -9.65 13.77
C VAL B 130 -2.51 -9.10 12.39
N LEU B 131 -3.28 -8.03 12.38
CA LEU B 131 -3.80 -7.50 11.14
C LEU B 131 -2.70 -6.89 10.23
N HIS B 132 -1.67 -6.37 10.83
CA HIS B 132 -0.49 -5.92 10.09
C HIS B 132 0.17 -7.11 9.39
N LYS B 133 0.22 -8.25 10.06
CA LYS B 133 0.77 -9.45 9.43
C LYS B 133 -0.14 -9.90 8.30
N VAL B 134 -1.45 -9.90 8.54
CA VAL B 134 -2.40 -10.24 7.47
C VAL B 134 -2.27 -9.30 6.25
N LEU B 135 -2.14 -8.02 6.51
CA LEU B 135 -1.97 -7.06 5.46
C LEU B 135 -0.75 -7.40 4.61
N LEU B 136 0.38 -7.61 5.26
CA LEU B 136 1.61 -7.84 4.52
C LEU B 136 1.53 -9.15 3.74
N GLU B 137 0.98 -10.18 4.38
CA GLU B 137 0.75 -11.45 3.73
C GLU B 137 -0.13 -11.38 2.50
N THR B 138 -1.18 -10.56 2.56
CA THR B 138 -2.09 -10.42 1.42
C THR B 138 -1.41 -9.68 0.28
N ARG B 139 -0.68 -8.60 0.57
CA ARG B 139 0.04 -7.86 -0.47
C ARG B 139 1.04 -8.73 -1.24
N ARG B 140 1.92 -9.43 -0.52
CA ARG B 140 2.87 -10.34 -1.16
C ARG B 140 2.13 -11.40 -1.98
N ASP B 141 0.91 -11.77 -1.57
CA ASP B 141 0.11 -12.77 -2.28
C ASP B 141 -0.59 -12.29 -3.56
N LEU B 142 -0.79 -10.98 -3.73
CA LEU B 142 -1.59 -10.48 -4.87
C LEU B 142 -0.72 -10.04 -6.05
N LYS C 32 -6.65 -12.36 -12.54
CA LYS C 32 -8.00 -12.26 -13.18
C LYS C 32 -8.83 -11.13 -12.57
N TYR C 33 -8.40 -9.90 -12.83
CA TYR C 33 -9.22 -8.73 -12.58
C TYR C 33 -9.69 -8.24 -13.95
N MET C 34 -10.98 -7.96 -14.08
CA MET C 34 -11.58 -7.62 -15.34
C MET C 34 -11.44 -6.15 -15.63
N THR C 35 -11.08 -5.85 -16.87
CA THR C 35 -11.08 -4.50 -17.34
C THR C 35 -12.52 -3.99 -17.40
N PRO C 36 -12.71 -2.66 -17.37
CA PRO C 36 -14.03 -2.07 -17.52
C PRO C 36 -14.73 -2.53 -18.81
N MET C 37 -13.97 -2.71 -19.88
CA MET C 37 -14.58 -3.17 -21.15
C MET C 37 -15.11 -4.58 -20.92
N GLN C 38 -14.29 -5.47 -20.32
CA GLN C 38 -14.71 -6.83 -20.05
C GLN C 38 -15.94 -6.84 -19.18
N GLN C 39 -16.03 -5.91 -18.25
CA GLN C 39 -17.19 -5.81 -17.37
C GLN C 39 -18.44 -5.39 -18.11
N LYS C 40 -18.32 -4.44 -19.03
CA LYS C 40 -19.48 -3.91 -19.75
C LYS C 40 -19.98 -4.97 -20.71
N LEU C 41 -19.05 -5.69 -21.34
CA LEU C 41 -19.40 -6.85 -22.19
C LEU C 41 -20.15 -7.90 -21.37
N ASN C 42 -19.62 -8.23 -20.19
CA ASN C 42 -20.30 -9.21 -19.35
C ASN C 42 -21.71 -8.75 -18.94
N GLU C 43 -21.84 -7.45 -18.68
CA GLU C 43 -23.14 -6.89 -18.32
C GLU C 43 -24.18 -6.96 -19.45
N VAL C 44 -23.72 -6.72 -20.67
CA VAL C 44 -24.60 -6.82 -21.85
C VAL C 44 -25.07 -8.28 -22.02
N TYR C 45 -24.11 -9.21 -21.99
CA TYR C 45 -24.37 -10.62 -22.17
C TYR C 45 -25.36 -11.11 -21.10
N GLU C 46 -25.14 -10.71 -19.85
CA GLU C 46 -26.00 -11.15 -18.75
C GLU C 46 -27.40 -10.55 -18.81
N ALA C 47 -27.53 -9.33 -19.31
CA ALA C 47 -28.86 -8.71 -19.49
C ALA C 47 -29.72 -9.50 -20.50
N VAL C 48 -29.11 -9.93 -21.59
CA VAL C 48 -29.85 -10.72 -22.61
C VAL C 48 -30.14 -12.10 -22.04
N LYS C 49 -29.13 -12.74 -21.47
CA LYS C 49 -29.32 -14.04 -20.82
C LYS C 49 -30.44 -14.08 -19.75
N ASN C 50 -30.45 -13.07 -18.86
CA ASN C 50 -31.34 -13.07 -17.74
C ASN C 50 -32.67 -12.39 -18.03
N TYR C 51 -32.86 -11.79 -19.20
CA TYR C 51 -34.14 -11.14 -19.46
C TYR C 51 -35.35 -12.12 -19.26
N THR C 52 -36.39 -11.64 -18.57
CA THR C 52 -37.62 -12.39 -18.37
C THR C 52 -38.71 -11.47 -18.73
N ASP C 53 -39.67 -11.98 -19.47
CA ASP C 53 -40.83 -11.18 -19.83
C ASP C 53 -41.84 -10.95 -18.69
N LYS C 54 -42.97 -10.32 -19.01
CA LYS C 54 -43.95 -9.94 -17.96
C LYS C 54 -44.56 -11.15 -17.30
N ARG C 55 -44.50 -12.29 -17.99
CA ARG C 55 -44.97 -13.56 -17.38
C ARG C 55 -43.91 -14.36 -16.58
N GLY C 56 -42.67 -13.87 -16.53
CA GLY C 56 -41.53 -14.56 -15.91
C GLY C 56 -40.77 -15.53 -16.80
N ARG C 57 -41.11 -15.58 -18.11
CA ARG C 57 -40.40 -16.49 -19.00
C ARG C 57 -39.00 -16.00 -19.38
N ARG C 58 -38.04 -16.93 -19.31
CA ARG C 58 -36.65 -16.63 -19.66
C ARG C 58 -36.46 -16.88 -21.15
N LEU C 59 -36.51 -15.82 -21.94
CA LEU C 59 -36.50 -15.96 -23.40
C LEU C 59 -35.20 -16.50 -23.96
N SER C 60 -34.07 -16.31 -23.26
CA SER C 60 -32.76 -16.78 -23.74
C SER C 60 -32.64 -18.32 -23.78
N ALA C 61 -33.55 -19.05 -23.13
CA ALA C 61 -33.27 -20.48 -22.82
C ALA C 61 -32.85 -21.30 -24.03
N ILE C 62 -33.64 -21.25 -25.10
CA ILE C 62 -33.36 -22.00 -26.34
CA ILE C 62 -33.32 -22.04 -26.30
C ILE C 62 -32.07 -21.56 -27.05
N PHE C 63 -31.71 -20.28 -26.87
CA PHE C 63 -30.56 -19.66 -27.52
C PHE C 63 -29.21 -20.00 -26.88
N LEU C 64 -29.21 -20.59 -25.70
CA LEU C 64 -27.93 -20.95 -25.06
C LEU C 64 -27.10 -21.96 -25.87
N ARG C 65 -27.74 -23.05 -26.29
CA ARG C 65 -27.02 -24.15 -26.93
C ARG C 65 -27.77 -24.67 -28.14
N LEU C 66 -27.23 -24.43 -29.32
CA LEU C 66 -27.72 -25.10 -30.55
C LEU C 66 -27.53 -26.63 -30.47
N PRO C 67 -28.43 -27.43 -31.08
CA PRO C 67 -28.10 -28.83 -31.27
C PRO C 67 -26.85 -28.99 -32.11
N SER C 68 -26.19 -30.13 -31.92
CA SER C 68 -24.98 -30.44 -32.65
C SER C 68 -25.30 -30.75 -34.11
N ARG C 69 -24.23 -30.81 -34.90
CA ARG C 69 -24.30 -31.21 -36.29
C ARG C 69 -24.99 -32.51 -36.54
N SER C 70 -24.80 -33.48 -35.65
CA SER C 70 -25.37 -34.82 -35.80
C SER C 70 -26.83 -34.81 -35.51
N GLU C 71 -27.21 -33.94 -34.59
CA GLU C 71 -28.59 -33.86 -34.16
C GLU C 71 -29.43 -33.05 -35.10
N LEU C 72 -28.85 -32.02 -35.69
CA LEU C 72 -29.64 -31.17 -36.58
C LEU C 72 -28.79 -30.68 -37.79
N PRO C 73 -28.38 -31.60 -38.68
CA PRO C 73 -27.50 -31.25 -39.84
C PRO C 73 -28.11 -30.17 -40.66
N ASP C 74 -29.43 -30.24 -40.86
CA ASP C 74 -30.13 -29.28 -41.73
C ASP C 74 -29.93 -27.80 -41.28
N TYR C 75 -29.76 -27.59 -39.98
CA TYR C 75 -29.50 -26.23 -39.48
C TYR C 75 -28.16 -25.70 -39.99
N TYR C 76 -27.11 -26.50 -39.86
CA TYR C 76 -25.75 -26.07 -40.22
C TYR C 76 -25.59 -25.95 -41.71
N LEU C 77 -26.42 -26.68 -42.47
CA LEU C 77 -26.36 -26.55 -43.93
C LEU C 77 -27.21 -25.35 -44.50
N THR C 78 -28.17 -24.85 -43.72
CA THR C 78 -29.05 -23.74 -44.10
C THR C 78 -28.55 -22.37 -43.64
N ILE C 79 -27.85 -22.36 -42.54
CA ILE C 79 -27.35 -21.14 -41.89
C ILE C 79 -25.82 -21.06 -42.06
N LYS C 80 -25.35 -19.96 -42.62
CA LYS C 80 -23.91 -19.77 -42.98
C LYS C 80 -22.98 -19.81 -41.81
N LYS C 81 -23.35 -19.09 -40.74
CA LYS C 81 -22.49 -18.88 -39.59
C LYS C 81 -23.25 -19.14 -38.32
N PRO C 82 -23.33 -20.44 -37.95
CA PRO C 82 -24.09 -20.83 -36.75
C PRO C 82 -23.49 -20.19 -35.51
N MET C 83 -24.35 -19.80 -34.59
CA MET C 83 -23.95 -19.08 -33.39
C MET C 83 -24.97 -19.32 -32.29
N ASP C 84 -24.50 -19.53 -31.06
CA ASP C 84 -25.35 -19.64 -29.89
C ASP C 84 -24.71 -18.84 -28.77
N MET C 85 -25.42 -18.70 -27.65
CA MET C 85 -24.89 -17.86 -26.57
C MET C 85 -23.70 -18.54 -25.84
N GLU C 86 -23.65 -19.86 -25.80
CA GLU C 86 -22.43 -20.53 -25.25
C GLU C 86 -21.18 -20.14 -26.04
N LYS C 87 -21.29 -20.12 -27.37
CA LYS C 87 -20.19 -19.68 -28.23
C LYS C 87 -19.83 -18.21 -27.97
N ILE C 88 -20.83 -17.35 -27.84
CA ILE C 88 -20.57 -15.93 -27.54
C ILE C 88 -19.80 -15.80 -26.21
N ARG C 89 -20.29 -16.50 -25.20
CA ARG C 89 -19.65 -16.45 -23.87
C ARG C 89 -18.19 -16.94 -23.93
N SER C 90 -17.95 -18.01 -24.67
CA SER C 90 -16.63 -18.54 -24.94
C SER C 90 -15.71 -17.49 -25.62
N HIS C 91 -16.20 -16.83 -26.66
CA HIS C 91 -15.43 -15.76 -27.33
C HIS C 91 -15.18 -14.62 -26.37
N MET C 92 -16.16 -14.31 -25.52
CA MET C 92 -16.04 -13.16 -24.57
C MET C 92 -14.86 -13.33 -23.63
N MET C 93 -14.81 -14.49 -22.98
CA MET C 93 -13.78 -14.81 -22.03
C MET C 93 -12.41 -15.09 -22.67
N ALA C 94 -12.40 -15.43 -23.96
CA ALA C 94 -11.17 -15.51 -24.77
C ALA C 94 -10.74 -14.15 -25.34
N ASN C 95 -11.39 -13.07 -24.90
CA ASN C 95 -11.11 -11.72 -25.39
C ASN C 95 -11.16 -11.53 -26.87
N LYS C 96 -12.09 -12.21 -27.51
CA LYS C 96 -12.30 -12.02 -28.92
C LYS C 96 -13.04 -10.69 -29.21
N TYR C 97 -13.68 -10.10 -28.21
CA TYR C 97 -14.41 -8.83 -28.40
C TYR C 97 -13.61 -7.67 -27.85
N GLN C 98 -13.05 -6.89 -28.77
CA GLN C 98 -12.29 -5.70 -28.42
C GLN C 98 -13.25 -4.57 -28.03
N ASP C 99 -14.50 -4.64 -28.49
CA ASP C 99 -15.50 -3.66 -28.06
C ASP C 99 -16.93 -4.20 -28.03
N ILE C 100 -17.85 -3.37 -27.56
CA ILE C 100 -19.22 -3.79 -27.30
C ILE C 100 -19.86 -4.16 -28.62
N ASP C 101 -19.62 -3.33 -29.63
CA ASP C 101 -20.23 -3.53 -30.93
C ASP C 101 -19.85 -4.84 -31.57
N SER C 102 -18.63 -5.34 -31.36
CA SER C 102 -18.25 -6.65 -31.86
C SER C 102 -19.13 -7.77 -31.25
N MET C 103 -19.42 -7.67 -29.96
CA MET C 103 -20.30 -8.65 -29.30
C MET C 103 -21.73 -8.54 -29.77
N VAL C 104 -22.23 -7.32 -29.89
CA VAL C 104 -23.56 -7.09 -30.41
C VAL C 104 -23.74 -7.71 -31.80
N GLU C 105 -22.72 -7.61 -32.63
CA GLU C 105 -22.79 -8.13 -33.98
C GLU C 105 -23.02 -9.64 -33.98
N ASP C 106 -22.37 -10.36 -33.05
CA ASP C 106 -22.57 -11.82 -32.94
C ASP C 106 -23.99 -12.15 -32.41
N PHE C 107 -24.51 -11.36 -31.48
CA PHE C 107 -25.89 -11.56 -31.02
C PHE C 107 -26.86 -11.33 -32.16
N VAL C 108 -26.63 -10.25 -32.90
CA VAL C 108 -27.49 -9.90 -34.05
C VAL C 108 -27.50 -10.99 -35.11
N MET C 109 -26.33 -11.58 -35.37
CA MET C 109 -26.22 -12.69 -36.29
CA MET C 109 -26.24 -12.69 -36.31
C MET C 109 -26.99 -13.91 -35.76
N MET C 110 -26.87 -14.19 -34.47
CA MET C 110 -27.64 -15.30 -33.87
C MET C 110 -29.14 -15.10 -34.06
N PHE C 111 -29.63 -13.89 -33.81
CA PHE C 111 -31.07 -13.63 -33.94
C PHE C 111 -31.52 -13.65 -35.39
N ASN C 112 -30.69 -13.12 -36.28
CA ASN C 112 -31.02 -13.23 -37.66
C ASN C 112 -31.03 -14.67 -38.14
N ASN C 113 -30.08 -15.47 -37.65
CA ASN C 113 -30.07 -16.88 -37.95
C ASN C 113 -31.36 -17.54 -37.46
N ALA C 114 -31.78 -17.23 -36.23
CA ALA C 114 -33.00 -17.79 -35.71
C ALA C 114 -34.22 -17.51 -36.57
N CYS C 115 -34.35 -16.25 -37.00
CA CYS C 115 -35.43 -15.84 -37.85
C CYS C 115 -35.32 -16.36 -39.29
N THR C 116 -34.15 -16.86 -39.70
CA THR C 116 -33.99 -17.52 -41.02
C THR C 116 -34.43 -18.99 -40.95
N TYR C 117 -34.01 -19.71 -39.91
CA TYR C 117 -34.32 -21.13 -39.79
C TYR C 117 -35.74 -21.42 -39.34
N ASN C 118 -36.30 -20.56 -38.49
CA ASN C 118 -37.62 -20.80 -37.96
C ASN C 118 -38.66 -19.93 -38.70
N GLU C 119 -39.89 -20.38 -38.72
CA GLU C 119 -40.96 -19.65 -39.41
C GLU C 119 -41.37 -18.41 -38.64
N PRO C 120 -41.85 -17.36 -39.35
CA PRO C 120 -42.31 -16.14 -38.64
C PRO C 120 -43.39 -16.34 -37.61
N GLU C 121 -44.23 -17.37 -37.76
CA GLU C 121 -45.30 -17.62 -36.77
C GLU C 121 -44.78 -18.40 -35.54
N SER C 122 -43.53 -18.83 -35.57
CA SER C 122 -42.97 -19.65 -34.51
C SER C 122 -42.61 -18.83 -33.27
N LEU C 123 -42.65 -19.51 -32.12
CA LEU C 123 -42.27 -18.89 -30.86
C LEU C 123 -40.79 -18.42 -30.84
N ILE C 124 -39.88 -19.24 -31.40
CA ILE C 124 -38.46 -18.91 -31.42
C ILE C 124 -38.24 -17.62 -32.21
N TYR C 125 -38.93 -17.51 -33.34
CA TYR C 125 -38.79 -16.30 -34.23
C TYR C 125 -39.29 -15.09 -33.43
N LYS C 126 -40.40 -15.21 -32.73
CA LYS C 126 -40.94 -14.05 -32.03
C LYS C 126 -40.07 -13.64 -30.84
N ASP C 127 -39.53 -14.64 -30.12
CA ASP C 127 -38.60 -14.42 -28.97
C ASP C 127 -37.29 -13.77 -29.42
N ALA C 128 -36.79 -14.17 -30.60
CA ALA C 128 -35.65 -13.52 -31.20
C ALA C 128 -35.88 -12.03 -31.41
N LEU C 129 -37.05 -11.66 -31.90
CA LEU C 129 -37.36 -10.18 -32.09
C LEU C 129 -37.30 -9.43 -30.76
N VAL C 130 -37.86 -10.02 -29.71
CA VAL C 130 -37.91 -9.32 -28.40
C VAL C 130 -36.50 -9.23 -27.83
N LEU C 131 -35.75 -10.34 -27.88
CA LEU C 131 -34.36 -10.31 -27.39
C LEU C 131 -33.45 -9.36 -28.16
N HIS C 132 -33.66 -9.24 -29.47
CA HIS C 132 -32.89 -8.24 -30.27
C HIS C 132 -33.20 -6.84 -29.76
N LYS C 133 -34.46 -6.59 -29.44
CA LYS C 133 -34.83 -5.26 -28.87
C LYS C 133 -34.20 -5.04 -27.49
N VAL C 134 -34.21 -6.07 -26.64
CA VAL C 134 -33.55 -6.00 -25.33
C VAL C 134 -32.02 -5.75 -25.48
N LEU C 135 -31.37 -6.42 -26.42
CA LEU C 135 -29.97 -6.19 -26.70
C LEU C 135 -29.69 -4.69 -27.03
N LEU C 136 -30.43 -4.15 -27.99
CA LEU C 136 -30.16 -2.78 -28.45
C LEU C 136 -30.55 -1.74 -27.41
N GLU C 137 -31.57 -2.01 -26.61
CA GLU C 137 -31.92 -1.14 -25.49
C GLU C 137 -30.80 -1.15 -24.45
N THR C 138 -30.22 -2.32 -24.19
CA THR C 138 -29.19 -2.44 -23.17
C THR C 138 -27.89 -1.76 -23.61
N ARG C 139 -27.54 -1.91 -24.88
CA ARG C 139 -26.36 -1.19 -25.43
C ARG C 139 -26.50 0.34 -25.37
N ARG C 140 -27.67 0.85 -25.78
CA ARG C 140 -27.96 2.28 -25.73
C ARG C 140 -27.89 2.76 -24.28
N ASP C 141 -28.30 1.91 -23.34
CA ASP C 141 -28.28 2.32 -21.92
C ASP C 141 -26.89 2.44 -21.27
N LEU C 142 -25.81 2.10 -21.97
CA LEU C 142 -24.46 2.45 -21.53
C LEU C 142 -23.68 3.11 -22.66
N LYS D 32 -30.25 -28.61 11.34
CA LYS D 32 -29.61 -27.70 10.34
C LYS D 32 -30.43 -26.44 10.08
N TYR D 33 -31.75 -26.56 10.17
CA TYR D 33 -32.66 -25.44 9.96
C TYR D 33 -32.97 -24.76 11.28
N MET D 34 -32.90 -23.45 11.31
CA MET D 34 -33.11 -22.70 12.53
C MET D 34 -34.58 -22.48 12.77
N THR D 35 -35.02 -22.60 14.03
CA THR D 35 -36.40 -22.30 14.42
C THR D 35 -36.60 -20.82 14.29
N PRO D 36 -37.87 -20.36 14.22
CA PRO D 36 -38.20 -18.95 14.26
C PRO D 36 -37.59 -18.25 15.53
N MET D 37 -37.63 -18.90 16.69
CA MET D 37 -37.00 -18.34 17.93
C MET D 37 -35.51 -18.16 17.76
N GLN D 38 -34.85 -19.15 17.16
CA GLN D 38 -33.41 -19.06 16.89
C GLN D 38 -33.05 -17.97 15.91
N GLN D 39 -33.88 -17.79 14.88
CA GLN D 39 -33.73 -16.61 14.00
C GLN D 39 -33.96 -15.26 14.70
N LYS D 40 -34.94 -15.18 15.60
CA LYS D 40 -35.24 -13.96 16.34
C LYS D 40 -34.06 -13.62 17.27
N LEU D 41 -33.50 -14.64 17.94
CA LEU D 41 -32.30 -14.47 18.80
C LEU D 41 -31.13 -13.95 17.99
N ASN D 42 -30.98 -14.47 16.78
CA ASN D 42 -29.91 -14.01 15.92
C ASN D 42 -30.15 -12.57 15.52
N GLU D 43 -31.42 -12.23 15.29
CA GLU D 43 -31.74 -10.89 14.82
C GLU D 43 -31.46 -9.86 15.92
N VAL D 44 -31.78 -10.24 17.14
CA VAL D 44 -31.55 -9.34 18.29
C VAL D 44 -30.05 -9.14 18.47
N TYR D 45 -29.30 -10.25 18.44
CA TYR D 45 -27.84 -10.18 18.55
C TYR D 45 -27.25 -9.27 17.48
N GLU D 46 -27.63 -9.48 16.22
CA GLU D 46 -27.16 -8.62 15.14
C GLU D 46 -27.58 -7.15 15.24
N ALA D 47 -28.78 -6.87 15.75
CA ALA D 47 -29.21 -5.50 15.91
C ALA D 47 -28.24 -4.74 16.87
N VAL D 48 -27.81 -5.39 17.95
CA VAL D 48 -26.89 -4.70 18.86
C VAL D 48 -25.48 -4.61 18.21
N LYS D 49 -25.02 -5.72 17.63
CA LYS D 49 -23.69 -5.80 16.99
C LYS D 49 -23.52 -4.75 15.90
N ASN D 50 -24.57 -4.54 15.07
CA ASN D 50 -24.48 -3.70 13.87
C ASN D 50 -25.05 -2.30 13.98
N TYR D 51 -25.54 -1.92 15.15
CA TYR D 51 -26.02 -0.54 15.30
C TYR D 51 -24.87 0.42 15.01
N THR D 52 -25.17 1.46 14.23
CA THR D 52 -24.18 2.49 13.93
C THR D 52 -24.72 3.83 14.34
N ASP D 53 -23.84 4.66 14.83
CA ASP D 53 -24.21 6.02 15.06
C ASP D 53 -24.16 6.78 13.73
N LYS D 54 -24.38 8.09 13.81
CA LYS D 54 -24.37 9.01 12.67
C LYS D 54 -23.04 9.08 11.91
N ARG D 55 -21.91 8.74 12.57
CA ARG D 55 -20.58 8.79 11.92
C ARG D 55 -20.23 7.46 11.31
N GLY D 56 -21.10 6.49 11.52
CA GLY D 56 -20.88 5.14 11.02
C GLY D 56 -20.09 4.24 11.96
N ARG D 57 -19.96 4.64 13.25
CA ARG D 57 -19.26 3.81 14.23
C ARG D 57 -20.21 2.74 14.84
N ARG D 58 -19.81 1.47 14.83
CA ARG D 58 -20.55 0.45 15.57
C ARG D 58 -20.14 0.51 17.04
N LEU D 59 -21.10 0.93 17.86
CA LEU D 59 -20.87 1.05 19.32
C LEU D 59 -20.52 -0.28 20.02
N SER D 60 -20.80 -1.39 19.37
CA SER D 60 -20.56 -2.73 19.93
C SER D 60 -19.10 -3.14 20.07
N ALA D 61 -18.22 -2.48 19.34
CA ALA D 61 -16.86 -2.96 19.15
C ALA D 61 -16.11 -3.23 20.46
N ILE D 62 -16.19 -2.29 21.40
CA ILE D 62 -15.46 -2.44 22.68
C ILE D 62 -16.04 -3.55 23.56
N PHE D 63 -17.33 -3.90 23.33
CA PHE D 63 -18.03 -4.91 24.11
C PHE D 63 -17.86 -6.38 23.61
N LEU D 64 -17.18 -6.57 22.46
CA LEU D 64 -16.99 -7.91 21.91
C LEU D 64 -16.22 -8.83 22.84
N ARG D 65 -15.13 -8.30 23.39
CA ARG D 65 -14.21 -9.12 24.21
C ARG D 65 -13.73 -8.32 25.40
N LEU D 66 -13.97 -8.84 26.60
CA LEU D 66 -13.46 -8.20 27.80
C LEU D 66 -11.92 -8.20 27.83
N PRO D 67 -11.32 -7.18 28.45
CA PRO D 67 -9.89 -7.28 28.81
C PRO D 67 -9.65 -8.52 29.63
N SER D 68 -8.47 -9.13 29.51
CA SER D 68 -8.22 -10.36 30.27
C SER D 68 -8.06 -10.10 31.77
N ARG D 69 -8.11 -11.19 32.53
CA ARG D 69 -7.91 -11.16 33.99
C ARG D 69 -6.49 -10.70 34.33
N SER D 70 -5.52 -11.02 33.48
CA SER D 70 -4.14 -10.55 33.60
C SER D 70 -4.04 -9.06 33.38
N GLU D 71 -4.68 -8.60 32.33
CA GLU D 71 -4.63 -7.18 31.98
C GLU D 71 -5.37 -6.29 32.97
N LEU D 72 -6.54 -6.70 33.48
CA LEU D 72 -7.38 -5.76 34.22
C LEU D 72 -7.96 -6.41 35.46
N PRO D 73 -7.08 -6.80 36.40
CA PRO D 73 -7.56 -7.46 37.60
C PRO D 73 -8.58 -6.72 38.41
N ASP D 74 -8.54 -5.39 38.43
CA ASP D 74 -9.52 -4.70 39.23
C ASP D 74 -10.95 -4.82 38.66
N TYR D 75 -11.08 -5.07 37.37
CA TYR D 75 -12.40 -5.30 36.78
C TYR D 75 -13.04 -6.50 37.44
N TYR D 76 -12.26 -7.58 37.52
CA TYR D 76 -12.83 -8.84 37.97
C TYR D 76 -13.05 -8.99 39.48
N LEU D 77 -12.39 -8.14 40.26
CA LEU D 77 -12.64 -8.03 41.67
C LEU D 77 -13.90 -7.15 41.96
N THR D 78 -14.28 -6.29 41.00
CA THR D 78 -15.45 -5.37 41.11
C THR D 78 -16.69 -5.98 40.51
N ILE D 79 -16.54 -6.61 39.35
CA ILE D 79 -17.68 -7.16 38.58
C ILE D 79 -17.78 -8.68 38.80
N LYS D 80 -18.83 -9.09 39.49
CA LYS D 80 -18.92 -10.50 39.95
C LYS D 80 -19.35 -11.49 38.88
N LYS D 81 -20.05 -11.02 37.83
CA LYS D 81 -20.55 -11.89 36.75
C LYS D 81 -20.16 -11.27 35.37
N PRO D 82 -18.89 -11.42 34.98
CA PRO D 82 -18.45 -10.86 33.73
C PRO D 82 -19.23 -11.41 32.52
N MET D 83 -19.39 -10.57 31.53
CA MET D 83 -20.14 -10.90 30.30
C MET D 83 -19.60 -10.04 29.17
N ASP D 84 -19.43 -10.64 27.97
CA ASP D 84 -19.07 -9.93 26.76
C ASP D 84 -19.85 -10.52 25.57
N MET D 85 -19.85 -9.85 24.44
CA MET D 85 -20.65 -10.30 23.31
C MET D 85 -20.15 -11.61 22.72
N GLU D 86 -18.86 -11.88 22.82
CA GLU D 86 -18.36 -13.19 22.37
C GLU D 86 -18.89 -14.38 23.21
N LYS D 87 -19.06 -14.21 24.52
CA LYS D 87 -19.73 -15.19 25.37
C LYS D 87 -21.23 -15.34 25.05
N ILE D 88 -21.91 -14.22 24.84
CA ILE D 88 -23.34 -14.28 24.40
C ILE D 88 -23.47 -14.99 23.04
N ARG D 89 -22.61 -14.65 22.10
CA ARG D 89 -22.63 -15.28 20.76
C ARG D 89 -22.44 -16.79 20.86
N SER D 90 -21.59 -17.21 21.80
CA SER D 90 -21.39 -18.65 22.12
C SER D 90 -22.60 -19.34 22.69
N HIS D 91 -23.24 -18.72 23.67
CA HIS D 91 -24.44 -19.29 24.24
C HIS D 91 -25.47 -19.44 23.13
N MET D 92 -25.52 -18.46 22.21
CA MET D 92 -26.51 -18.45 21.12
C MET D 92 -26.26 -19.55 20.08
N MET D 93 -25.00 -19.82 19.81
CA MET D 93 -24.65 -20.90 18.88
C MET D 93 -24.48 -22.25 19.53
N ALA D 94 -24.37 -22.30 20.85
CA ALA D 94 -24.54 -23.55 21.59
C ALA D 94 -26.02 -23.76 21.90
N ASN D 95 -26.85 -22.87 21.40
CA ASN D 95 -28.27 -23.08 21.46
C ASN D 95 -28.83 -23.11 22.89
N LYS D 96 -28.27 -22.28 23.77
CA LYS D 96 -28.63 -22.31 25.19
C LYS D 96 -29.60 -21.21 25.68
N TYR D 97 -30.11 -20.38 24.76
CA TYR D 97 -31.14 -19.38 25.12
C TYR D 97 -32.53 -19.95 24.78
N GLN D 98 -33.35 -20.16 25.81
CA GLN D 98 -34.71 -20.70 25.66
C GLN D 98 -35.57 -19.72 24.91
N ASP D 99 -35.44 -18.45 25.26
CA ASP D 99 -36.30 -17.39 24.76
C ASP D 99 -35.52 -16.06 24.61
N ILE D 100 -36.20 -15.02 24.16
CA ILE D 100 -35.56 -13.74 23.86
C ILE D 100 -35.15 -13.03 25.17
N ASP D 101 -36.03 -13.03 26.17
CA ASP D 101 -35.72 -12.43 27.49
C ASP D 101 -34.44 -12.97 28.11
N SER D 102 -34.14 -14.25 27.91
CA SER D 102 -32.90 -14.82 28.49
CA SER D 102 -32.90 -14.80 28.51
C SER D 102 -31.62 -14.24 27.86
N MET D 103 -31.67 -13.95 26.57
CA MET D 103 -30.52 -13.30 25.91
C MET D 103 -30.47 -11.84 26.32
N VAL D 104 -31.65 -11.20 26.35
CA VAL D 104 -31.72 -9.81 26.79
C VAL D 104 -31.13 -9.64 28.19
N GLU D 105 -31.50 -10.51 29.16
CA GLU D 105 -30.83 -10.57 30.47
C GLU D 105 -29.29 -10.56 30.42
N ASP D 106 -28.65 -11.32 29.51
CA ASP D 106 -27.16 -11.30 29.44
C ASP D 106 -26.60 -9.97 28.86
N PHE D 107 -27.26 -9.42 27.85
CA PHE D 107 -26.87 -8.11 27.34
C PHE D 107 -26.97 -7.05 28.44
N VAL D 108 -28.08 -7.07 29.20
CA VAL D 108 -28.31 -6.06 30.20
C VAL D 108 -27.27 -6.18 31.32
N MET D 109 -26.91 -7.41 31.70
CA MET D 109 -25.88 -7.58 32.69
CA MET D 109 -25.87 -7.62 32.69
C MET D 109 -24.55 -7.00 32.21
N MET D 110 -24.18 -7.30 30.97
CA MET D 110 -22.98 -6.72 30.33
C MET D 110 -22.98 -5.16 30.37
N PHE D 111 -24.07 -4.53 29.95
CA PHE D 111 -24.18 -3.05 29.93
C PHE D 111 -24.16 -2.49 31.38
N ASN D 112 -24.87 -3.14 32.31
CA ASN D 112 -24.84 -2.77 33.73
C ASN D 112 -23.42 -2.89 34.29
N ASN D 113 -22.70 -3.96 33.94
CA ASN D 113 -21.32 -4.09 34.34
C ASN D 113 -20.41 -2.95 33.79
N ALA D 114 -20.60 -2.63 32.50
CA ALA D 114 -19.78 -1.63 31.86
C ALA D 114 -20.05 -0.27 32.55
N CYS D 115 -21.30 -0.03 32.96
CA CYS D 115 -21.67 1.26 33.61
C CYS D 115 -21.30 1.27 35.09
N THR D 116 -21.00 0.09 35.66
CA THR D 116 -20.54 0.01 37.00
C THR D 116 -19.04 0.29 37.08
N TYR D 117 -18.28 -0.32 36.19
CA TYR D 117 -16.84 -0.20 36.19
C TYR D 117 -16.32 1.12 35.63
N ASN D 118 -16.88 1.57 34.51
CA ASN D 118 -16.49 2.86 33.89
C ASN D 118 -17.25 4.07 34.45
N GLU D 119 -16.63 5.25 34.42
CA GLU D 119 -17.25 6.49 34.90
C GLU D 119 -18.38 6.97 33.95
N PRO D 120 -19.42 7.62 34.52
CA PRO D 120 -20.47 8.19 33.70
C PRO D 120 -20.01 9.14 32.59
N GLU D 121 -18.87 9.83 32.76
CA GLU D 121 -18.33 10.76 31.76
C GLU D 121 -17.69 10.03 30.58
N SER D 122 -17.46 8.73 30.74
CA SER D 122 -16.64 7.96 29.82
C SER D 122 -17.39 7.55 28.59
N LEU D 123 -16.62 7.41 27.48
CA LEU D 123 -17.20 6.93 26.26
C LEU D 123 -17.86 5.52 26.38
N ILE D 124 -17.22 4.59 27.05
CA ILE D 124 -17.80 3.26 27.21
C ILE D 124 -19.13 3.26 27.98
N TYR D 125 -19.19 4.05 29.03
CA TYR D 125 -20.48 4.21 29.79
C TYR D 125 -21.58 4.72 28.86
N LYS D 126 -21.24 5.79 28.13
CA LYS D 126 -22.18 6.40 27.26
C LYS D 126 -22.68 5.47 26.15
N ASP D 127 -21.77 4.71 25.53
CA ASP D 127 -22.08 3.77 24.46
C ASP D 127 -22.96 2.63 24.99
N ALA D 128 -22.65 2.14 26.21
CA ALA D 128 -23.47 1.15 26.89
C ALA D 128 -24.93 1.60 27.08
N LEU D 129 -25.14 2.86 27.42
CA LEU D 129 -26.51 3.41 27.57
C LEU D 129 -27.23 3.34 26.26
N VAL D 130 -26.56 3.75 25.19
CA VAL D 130 -27.22 3.81 23.88
C VAL D 130 -27.57 2.41 23.42
N LEU D 131 -26.64 1.47 23.60
CA LEU D 131 -26.89 0.10 23.17
C LEU D 131 -27.95 -0.61 23.98
N HIS D 132 -28.01 -0.31 25.28
CA HIS D 132 -29.05 -0.91 26.11
C HIS D 132 -30.44 -0.38 25.55
N LYS D 133 -30.54 0.91 25.24
CA LYS D 133 -31.78 1.45 24.60
C LYS D 133 -32.10 0.81 23.27
N VAL D 134 -31.10 0.65 22.42
CA VAL D 134 -31.27 -0.05 21.15
C VAL D 134 -31.80 -1.50 21.36
N LEU D 135 -31.26 -2.19 22.36
CA LEU D 135 -31.68 -3.57 22.65
C LEU D 135 -33.18 -3.59 22.99
N LEU D 136 -33.61 -2.69 23.87
CA LEU D 136 -35.04 -2.60 24.25
C LEU D 136 -35.98 -2.20 23.11
N GLU D 137 -35.51 -1.28 22.28
CA GLU D 137 -36.23 -0.89 21.05
C GLU D 137 -36.36 -2.06 20.08
N THR D 138 -35.33 -2.89 20.02
CA THR D 138 -35.31 -4.06 19.12
C THR D 138 -36.28 -5.15 19.59
N ARG D 139 -36.17 -5.52 20.86
CA ARG D 139 -37.09 -6.48 21.49
C ARG D 139 -38.56 -6.05 21.30
N ARG D 140 -38.85 -4.76 21.51
CA ARG D 140 -40.22 -4.21 21.35
C ARG D 140 -40.76 -4.39 19.93
N ASP D 141 -39.96 -3.97 18.93
CA ASP D 141 -40.33 -4.03 17.52
C ASP D 141 -40.61 -5.43 17.02
N LEU D 142 -39.90 -6.43 17.55
CA LEU D 142 -40.06 -7.83 17.11
C LEU D 142 -41.32 -8.53 17.64
N GLU D 143 -42.19 -7.79 18.33
CA GLU D 143 -43.49 -8.28 18.82
C GLU D 143 -43.96 -9.58 18.18
N SER E 31 57.17 4.43 24.53
CA SER E 31 56.71 5.00 25.78
C SER E 31 55.26 4.72 26.03
N LYS E 32 54.91 4.43 27.27
CA LYS E 32 53.56 4.07 27.62
C LYS E 32 52.72 5.28 27.92
N TYR E 33 53.32 6.44 27.84
CA TYR E 33 52.66 7.64 28.21
C TYR E 33 52.16 8.33 26.94
N MET E 34 50.87 8.64 26.92
CA MET E 34 50.29 9.33 25.78
C MET E 34 50.63 10.82 25.80
N THR E 35 50.98 11.34 24.64
CA THR E 35 51.18 12.77 24.48
C THR E 35 49.85 13.48 24.62
N PRO E 36 49.89 14.78 24.86
CA PRO E 36 48.67 15.55 24.94
C PRO E 36 47.82 15.43 23.65
N MET E 37 48.47 15.43 22.47
CA MET E 37 47.71 15.22 21.21
C MET E 37 46.99 13.88 21.18
N GLN E 38 47.68 12.82 21.55
CA GLN E 38 47.03 11.55 21.64
C GLN E 38 45.85 11.53 22.60
N GLN E 39 45.95 12.18 23.77
CA GLN E 39 44.83 12.24 24.71
C GLN E 39 43.62 13.01 24.15
N LYS E 40 43.91 14.10 23.47
CA LYS E 40 42.90 14.91 22.80
C LYS E 40 42.20 14.08 21.68
N LEU E 41 42.97 13.33 20.90
CA LEU E 41 42.38 12.47 19.82
C LEU E 41 41.45 11.44 20.43
N ASN E 42 41.93 10.82 21.50
CA ASN E 42 41.13 9.85 22.22
C ASN E 42 39.85 10.44 22.78
N GLU E 43 39.93 11.62 23.38
CA GLU E 43 38.76 12.31 23.90
C GLU E 43 37.71 12.66 22.83
N VAL E 44 38.14 13.14 21.69
CA VAL E 44 37.22 13.43 20.59
C VAL E 44 36.57 12.11 20.13
N TYR E 45 37.39 11.09 19.88
CA TYR E 45 36.84 9.76 19.49
C TYR E 45 35.78 9.27 20.50
N GLU E 46 36.13 9.28 21.77
CA GLU E 46 35.24 8.80 22.82
C GLU E 46 33.97 9.63 22.96
N ALA E 47 34.07 10.94 22.69
CA ALA E 47 32.90 11.82 22.71
C ALA E 47 31.84 11.36 21.69
N VAL E 48 32.29 11.02 20.49
CA VAL E 48 31.39 10.51 19.41
C VAL E 48 30.87 9.14 19.82
N LYS E 49 31.79 8.25 20.20
CA LYS E 49 31.43 6.88 20.59
C LYS E 49 30.37 6.83 21.71
N ASN E 50 30.49 7.70 22.70
CA ASN E 50 29.69 7.62 23.92
C ASN E 50 28.47 8.53 23.98
N TYR E 51 28.22 9.33 22.93
CA TYR E 51 27.12 10.26 22.91
C TYR E 51 25.83 9.41 23.07
N THR E 52 24.96 9.84 23.96
CA THR E 52 23.66 9.18 24.18
C THR E 52 22.58 10.18 24.07
N ASP E 53 21.50 9.77 23.42
CA ASP E 53 20.34 10.63 23.33
C ASP E 53 19.54 10.60 24.67
N LYS E 54 18.42 11.30 24.74
CA LYS E 54 17.66 11.35 26.01
C LYS E 54 17.12 9.98 26.47
N ARG E 55 17.02 9.00 25.59
CA ARG E 55 16.52 7.65 25.97
C ARG E 55 17.65 6.73 26.39
N GLY E 56 18.87 7.26 26.37
CA GLY E 56 20.05 6.43 26.68
C GLY E 56 20.61 5.60 25.52
N ARG E 57 20.18 5.88 24.29
CA ARG E 57 20.68 5.13 23.15
C ARG E 57 22.02 5.77 22.66
N ARG E 58 23.00 4.93 22.41
CA ARG E 58 24.25 5.43 21.82
C ARG E 58 24.18 5.35 20.30
N LEU E 59 24.12 6.52 19.73
CA LEU E 59 23.88 6.62 18.30
C LEU E 59 25.04 6.06 17.49
N SER E 60 26.23 5.93 18.11
CA SER E 60 27.41 5.41 17.39
C SER E 60 27.30 3.95 16.97
N ALA E 61 26.39 3.21 17.58
CA ALA E 61 26.44 1.75 17.50
C ALA E 61 26.52 1.18 16.07
N ILE E 62 25.65 1.67 15.19
CA ILE E 62 25.66 1.26 13.77
C ILE E 62 26.94 1.61 13.00
N PHE E 63 27.59 2.69 13.42
CA PHE E 63 28.79 3.18 12.74
C PHE E 63 30.12 2.51 13.18
N LEU E 64 30.08 1.63 14.19
CA LEU E 64 31.30 1.02 14.68
C LEU E 64 31.95 0.13 13.60
N ARG E 65 31.13 -0.62 12.87
CA ARG E 65 31.63 -1.53 11.92
C ARG E 65 30.67 -1.57 10.74
N LEU E 66 31.21 -1.35 9.53
CA LEU E 66 30.41 -1.44 8.34
C LEU E 66 29.92 -2.87 8.12
N PRO E 67 28.79 -3.03 7.44
CA PRO E 67 28.35 -4.32 6.92
C PRO E 67 29.43 -4.84 5.99
N SER E 68 29.64 -6.15 5.98
CA SER E 68 30.72 -6.69 5.16
C SER E 68 30.48 -6.52 3.64
N ARG E 69 31.58 -6.60 2.90
CA ARG E 69 31.50 -6.59 1.42
C ARG E 69 30.61 -7.73 0.88
N SER E 70 30.62 -8.89 1.51
CA SER E 70 29.75 -9.97 1.04
C SER E 70 28.31 -9.72 1.37
N GLU E 71 28.05 -9.11 2.54
CA GLU E 71 26.66 -8.72 2.91
C GLU E 71 26.00 -7.69 2.04
N LEU E 72 26.73 -6.62 1.73
CA LEU E 72 26.11 -5.43 1.16
C LEU E 72 26.95 -4.90 0.02
N PRO E 73 27.01 -5.64 -1.12
CA PRO E 73 27.90 -5.20 -2.21
C PRO E 73 27.45 -3.88 -2.79
N ASP E 74 26.16 -3.56 -2.73
CA ASP E 74 25.72 -2.34 -3.34
C ASP E 74 26.24 -1.11 -2.56
N TYR E 75 26.60 -1.30 -1.28
CA TYR E 75 27.25 -0.22 -0.50
C TYR E 75 28.59 0.11 -1.14
N TYR E 76 29.38 -0.94 -1.40
CA TYR E 76 30.76 -0.77 -1.86
C TYR E 76 30.86 -0.44 -3.33
N LEU E 77 29.82 -0.72 -4.08
CA LEU E 77 29.79 -0.30 -5.45
C LEU E 77 29.38 1.21 -5.62
N THR E 78 28.85 1.81 -4.57
CA THR E 78 28.27 3.22 -4.51
C THR E 78 29.19 4.17 -3.78
N ILE E 79 29.69 3.71 -2.65
CA ILE E 79 30.53 4.51 -1.77
C ILE E 79 32.01 4.20 -2.00
N LYS E 80 32.72 5.17 -2.57
CA LYS E 80 34.10 4.95 -3.05
C LYS E 80 35.19 4.88 -1.98
N LYS E 81 34.95 5.52 -0.84
CA LYS E 81 35.91 5.56 0.25
CA LYS E 81 35.93 5.54 0.26
C LYS E 81 35.28 5.12 1.57
N PRO E 82 35.13 3.80 1.78
CA PRO E 82 34.43 3.33 2.96
C PRO E 82 35.17 3.72 4.26
N MET E 83 34.39 4.02 5.29
CA MET E 83 34.97 4.36 6.60
C MET E 83 34.02 3.95 7.69
N ASP E 84 34.58 3.41 8.78
CA ASP E 84 33.81 3.15 9.99
C ASP E 84 34.64 3.52 11.24
N MET E 85 34.07 3.43 12.41
CA MET E 85 34.79 3.86 13.61
C MET E 85 35.91 2.88 14.02
N GLU E 86 35.74 1.64 13.64
CA GLU E 86 36.82 0.65 13.78
C GLU E 86 38.11 1.05 13.01
N LYS E 87 37.97 1.51 11.77
CA LYS E 87 39.06 1.98 11.01
C LYS E 87 39.68 3.25 11.60
N ILE E 88 38.83 4.20 12.05
CA ILE E 88 39.32 5.40 12.70
C ILE E 88 40.16 5.01 13.96
N ARG E 89 39.63 4.11 14.75
CA ARG E 89 40.34 3.66 15.98
C ARG E 89 41.71 3.02 15.65
N SER E 90 41.78 2.20 14.58
CA SER E 90 43.03 1.60 14.11
CA SER E 90 43.05 1.61 14.15
C SER E 90 44.05 2.64 13.68
N HIS E 91 43.58 3.65 12.97
CA HIS E 91 44.46 4.72 12.54
C HIS E 91 44.97 5.42 13.80
N MET E 92 44.13 5.54 14.82
CA MET E 92 44.50 6.25 16.06
C MET E 92 45.52 5.43 16.86
N MET E 93 45.26 4.13 17.10
CA MET E 93 46.29 3.19 17.62
C MET E 93 47.60 3.30 16.87
N ALA E 94 47.52 3.29 15.55
CA ALA E 94 48.71 3.37 14.70
C ALA E 94 49.40 4.72 14.68
N ASN E 95 48.88 5.68 15.44
CA ASN E 95 49.41 7.04 15.40
C ASN E 95 49.45 7.75 14.06
N LYS E 96 48.47 7.46 13.23
CA LYS E 96 48.40 8.03 11.91
C LYS E 96 47.85 9.45 11.92
N TYR E 97 47.26 9.89 13.05
CA TYR E 97 46.66 11.19 13.07
C TYR E 97 47.64 12.14 13.74
N GLN E 98 48.05 13.18 13.02
CA GLN E 98 49.02 14.13 13.54
C GLN E 98 48.36 15.32 14.13
N ASP E 99 47.09 15.50 13.80
CA ASP E 99 46.32 16.53 14.41
C ASP E 99 44.84 16.15 14.47
N ILE E 100 44.09 16.97 15.20
CA ILE E 100 42.67 16.71 15.44
C ILE E 100 41.88 16.79 14.14
N ASP E 101 42.18 17.79 13.30
CA ASP E 101 41.40 17.93 12.04
C ASP E 101 41.52 16.71 11.13
N SER E 102 42.63 15.99 11.17
CA SER E 102 42.78 14.79 10.36
CA SER E 102 42.76 14.80 10.34
C SER E 102 41.78 13.72 10.80
N MET E 103 41.60 13.58 12.10
CA MET E 103 40.60 12.66 12.62
C MET E 103 39.16 13.14 12.26
N VAL E 104 38.89 14.42 12.44
CA VAL E 104 37.58 14.97 12.09
C VAL E 104 37.24 14.68 10.62
N GLU E 105 38.20 14.85 9.71
CA GLU E 105 37.99 14.58 8.29
C GLU E 105 37.51 13.13 8.07
N ASP E 106 38.09 12.16 8.77
CA ASP E 106 37.65 10.78 8.61
C ASP E 106 36.21 10.50 9.13
N PHE E 107 35.90 11.07 10.27
CA PHE E 107 34.51 11.04 10.82
C PHE E 107 33.55 11.68 9.86
N VAL E 108 33.93 12.83 9.32
CA VAL E 108 33.05 13.55 8.35
C VAL E 108 32.83 12.75 7.07
N MET E 109 33.88 12.09 6.59
CA MET E 109 33.72 11.19 5.44
C MET E 109 32.74 10.07 5.79
N MET E 110 32.87 9.47 6.96
CA MET E 110 31.95 8.40 7.39
C MET E 110 30.50 8.90 7.42
N PHE E 111 30.27 10.07 8.01
CA PHE E 111 28.88 10.56 8.11
C PHE E 111 28.32 10.95 6.72
N ASN E 112 29.19 11.48 5.88
CA ASN E 112 28.81 11.87 4.50
C ASN E 112 28.40 10.63 3.72
N ASN E 113 29.20 9.54 3.85
CA ASN E 113 28.90 8.28 3.22
C ASN E 113 27.56 7.73 3.70
N ALA E 114 27.34 7.74 5.05
CA ALA E 114 26.10 7.24 5.59
C ALA E 114 24.89 8.03 5.04
N CYS E 115 25.05 9.35 4.89
CA CYS E 115 23.94 10.19 4.37
C CYS E 115 23.79 10.10 2.84
N THR E 116 24.77 9.51 2.16
CA THR E 116 24.74 9.29 0.71
C THR E 116 24.06 7.96 0.41
N TYR E 117 24.43 6.94 1.15
CA TYR E 117 23.86 5.61 0.95
C TYR E 117 22.39 5.53 1.48
N ASN E 118 22.12 6.03 2.67
CA ASN E 118 20.80 5.90 3.31
C ASN E 118 19.93 7.11 3.00
N GLU E 119 18.61 6.90 3.01
CA GLU E 119 17.63 7.98 2.71
C GLU E 119 17.48 8.99 3.86
N PRO E 120 17.13 10.26 3.54
CA PRO E 120 17.03 11.22 4.63
C PRO E 120 15.97 10.91 5.67
N GLU E 121 15.00 10.08 5.31
CA GLU E 121 13.98 9.67 6.29
C GLU E 121 14.48 8.57 7.22
N SER E 122 15.58 7.94 6.86
CA SER E 122 16.09 6.84 7.68
C SER E 122 16.72 7.22 9.03
N LEU E 123 16.63 6.29 9.97
CA LEU E 123 17.26 6.50 11.26
C LEU E 123 18.73 6.67 11.15
N ILE E 124 19.41 5.92 10.26
CA ILE E 124 20.85 6.04 10.19
C ILE E 124 21.25 7.43 9.70
N TYR E 125 20.53 7.91 8.70
CA TYR E 125 20.77 9.26 8.17
C TYR E 125 20.64 10.31 9.30
N LYS E 126 19.54 10.25 10.03
CA LYS E 126 19.28 11.21 11.10
C LYS E 126 20.31 11.16 12.23
N ASP E 127 20.71 9.95 12.63
CA ASP E 127 21.72 9.77 13.65
C ASP E 127 23.07 10.34 13.16
N ALA E 128 23.42 10.14 11.89
CA ALA E 128 24.65 10.67 11.34
C ALA E 128 24.68 12.21 11.47
N LEU E 129 23.55 12.88 11.19
CA LEU E 129 23.51 14.35 11.28
C LEU E 129 23.82 14.74 12.70
N VAL E 130 23.17 14.07 13.66
CA VAL E 130 23.35 14.41 15.10
C VAL E 130 24.80 14.22 15.51
N LEU E 131 25.40 13.07 15.14
CA LEU E 131 26.76 12.81 15.48
C LEU E 131 27.79 13.76 14.80
N HIS E 132 27.50 14.18 13.58
CA HIS E 132 28.37 15.12 12.87
C HIS E 132 28.35 16.42 13.70
N LYS E 133 27.16 16.85 14.14
CA LYS E 133 27.09 18.07 15.01
C LYS E 133 27.82 17.91 16.33
N VAL E 134 27.63 16.75 16.96
CA VAL E 134 28.35 16.41 18.20
C VAL E 134 29.85 16.45 18.01
N LEU E 135 30.34 15.93 16.91
CA LEU E 135 31.78 16.03 16.63
C LEU E 135 32.29 17.51 16.58
N LEU E 136 31.53 18.32 15.84
CA LEU E 136 31.86 19.73 15.68
C LEU E 136 31.78 20.51 16.99
N GLU E 137 30.81 20.20 17.84
CA GLU E 137 30.78 20.89 19.15
C GLU E 137 31.93 20.43 20.07
N THR E 138 32.33 19.18 19.93
CA THR E 138 33.42 18.61 20.74
C THR E 138 34.74 19.26 20.34
N ARG E 139 34.95 19.37 19.02
CA ARG E 139 36.13 20.09 18.51
C ARG E 139 36.21 21.53 19.00
N ARG E 140 35.08 22.21 18.98
CA ARG E 140 35.01 23.62 19.45
C ARG E 140 35.29 23.74 20.96
N ASP E 141 34.66 22.87 21.74
CA ASP E 141 34.84 22.82 23.20
C ASP E 141 36.28 22.52 23.61
N LEU E 142 36.99 21.74 22.80
CA LEU E 142 38.38 21.42 23.13
C LEU E 142 39.41 22.44 22.64
N GLU E 143 38.95 23.51 21.97
CA GLU E 143 39.78 24.66 21.58
C GLU E 143 40.86 24.95 22.61
N LYS F 32 19.53 35.36 -43.49
CA LYS F 32 20.86 34.91 -43.96
C LYS F 32 20.98 33.39 -43.92
N TYR F 33 21.86 32.87 -44.78
CA TYR F 33 22.29 31.49 -44.74
C TYR F 33 23.68 31.54 -44.11
N MET F 34 24.20 30.39 -43.69
CA MET F 34 25.49 30.36 -43.01
C MET F 34 26.64 30.01 -43.91
N THR F 35 27.79 30.66 -43.71
CA THR F 35 28.99 30.27 -44.42
C THR F 35 29.42 28.88 -43.95
N PRO F 36 30.34 28.22 -44.71
CA PRO F 36 30.86 26.92 -44.27
C PRO F 36 31.61 27.04 -42.91
N MET F 37 32.38 28.11 -42.76
CA MET F 37 33.04 28.37 -41.48
C MET F 37 32.04 28.49 -40.33
N GLN F 38 30.95 29.22 -40.57
CA GLN F 38 29.91 29.37 -39.55
C GLN F 38 29.31 28.02 -39.18
N GLN F 39 29.20 27.10 -40.14
CA GLN F 39 28.67 25.79 -39.85
C GLN F 39 29.63 24.92 -39.04
N LYS F 40 30.93 25.04 -39.32
CA LYS F 40 31.93 24.27 -38.56
C LYS F 40 31.98 24.80 -37.12
N LEU F 41 31.94 26.14 -36.98
CA LEU F 41 31.90 26.77 -35.63
C LEU F 41 30.67 26.34 -34.89
N ASN F 42 29.53 26.32 -35.58
CA ASN F 42 28.30 25.86 -34.93
C ASN F 42 28.35 24.41 -34.46
N GLU F 43 29.09 23.57 -35.15
CA GLU F 43 29.23 22.16 -34.81
C GLU F 43 30.02 22.03 -33.49
N VAL F 44 31.07 22.83 -33.36
CA VAL F 44 31.84 22.91 -32.10
C VAL F 44 30.98 23.50 -30.95
N TYR F 45 30.29 24.61 -31.22
CA TYR F 45 29.43 25.25 -30.23
C TYR F 45 28.39 24.25 -29.72
N GLU F 46 27.71 23.57 -30.64
CA GLU F 46 26.69 22.62 -30.27
C GLU F 46 27.21 21.41 -29.48
N ALA F 47 28.43 20.96 -29.78
CA ALA F 47 29.10 19.89 -29.04
C ALA F 47 29.30 20.30 -27.56
N VAL F 48 29.68 21.54 -27.33
CA VAL F 48 29.90 21.99 -25.95
C VAL F 48 28.53 22.14 -25.28
N LYS F 49 27.57 22.77 -25.98
CA LYS F 49 26.23 22.96 -25.42
C LYS F 49 25.53 21.66 -25.05
N ASN F 50 25.63 20.66 -25.92
CA ASN F 50 24.85 19.44 -25.78
C ASN F 50 25.52 18.34 -24.96
N TYR F 51 26.82 18.47 -24.68
CA TYR F 51 27.54 17.48 -23.88
C TYR F 51 26.76 17.16 -22.57
N THR F 52 26.58 15.87 -22.32
CA THR F 52 25.99 15.38 -21.08
C THR F 52 26.95 14.48 -20.37
N ASP F 53 26.99 14.59 -19.04
CA ASP F 53 27.81 13.66 -18.27
C ASP F 53 27.15 12.26 -18.14
N LYS F 54 27.80 11.35 -17.41
CA LYS F 54 27.29 9.98 -17.21
C LYS F 54 25.93 9.98 -16.51
N ARG F 55 25.69 10.99 -15.66
CA ARG F 55 24.41 11.16 -14.96
C ARG F 55 23.31 11.85 -15.79
N GLY F 56 23.65 12.23 -17.03
CA GLY F 56 22.72 12.81 -17.98
C GLY F 56 22.56 14.32 -17.89
N ARG F 57 23.43 15.00 -17.15
CA ARG F 57 23.28 16.42 -16.91
C ARG F 57 23.97 17.14 -18.04
N ARG F 58 23.34 18.19 -18.54
CA ARG F 58 23.95 19.06 -19.51
C ARG F 58 24.78 20.11 -18.79
N LEU F 59 26.11 19.97 -18.89
CA LEU F 59 27.00 20.84 -18.10
C LEU F 59 26.95 22.30 -18.51
N SER F 60 26.54 22.59 -19.75
CA SER F 60 26.43 23.94 -20.25
C SER F 60 25.34 24.82 -19.60
N ALA F 61 24.40 24.27 -18.85
CA ALA F 61 23.24 25.02 -18.43
C ALA F 61 23.57 26.37 -17.76
N ILE F 62 24.48 26.36 -16.82
CA ILE F 62 24.83 27.60 -16.10
C ILE F 62 25.53 28.66 -17.00
N PHE F 63 26.26 28.18 -18.00
CA PHE F 63 27.09 29.02 -18.91
C PHE F 63 26.29 29.67 -20.04
N LEU F 64 25.05 29.24 -20.25
CA LEU F 64 24.32 29.73 -21.41
C LEU F 64 24.09 31.24 -21.29
N ARG F 65 23.69 31.72 -20.10
CA ARG F 65 23.37 33.14 -19.91
C ARG F 65 23.73 33.58 -18.51
N LEU F 66 24.66 34.52 -18.43
CA LEU F 66 25.00 35.16 -17.14
C LEU F 66 23.77 35.91 -16.63
N PRO F 67 23.52 35.93 -15.31
CA PRO F 67 22.49 36.86 -14.77
C PRO F 67 22.87 38.29 -15.11
N SER F 68 21.89 39.19 -15.08
CA SER F 68 22.12 40.60 -15.41
C SER F 68 22.92 41.25 -14.30
N ARG F 69 23.46 42.45 -14.59
CA ARG F 69 24.06 43.26 -13.55
C ARG F 69 23.20 43.49 -12.30
N SER F 70 21.91 43.77 -12.47
CA SER F 70 20.98 43.95 -11.29
C SER F 70 20.85 42.65 -10.47
N GLU F 71 20.92 41.54 -11.18
CA GLU F 71 20.78 40.20 -10.54
C GLU F 71 22.02 39.68 -9.81
N LEU F 72 23.23 39.93 -10.34
CA LEU F 72 24.48 39.37 -9.78
C LEU F 72 25.56 40.45 -9.91
N PRO F 73 25.36 41.59 -9.22
CA PRO F 73 26.28 42.70 -9.46
C PRO F 73 27.72 42.41 -9.07
N ASP F 74 27.94 41.55 -8.06
CA ASP F 74 29.34 41.18 -7.65
C ASP F 74 30.11 40.41 -8.71
N TYR F 75 29.42 39.73 -9.62
CA TYR F 75 30.11 39.17 -10.78
C TYR F 75 30.79 40.24 -11.67
N TYR F 76 29.99 41.21 -12.09
CA TYR F 76 30.42 42.25 -13.03
C TYR F 76 31.50 43.15 -12.41
N LEU F 77 31.49 43.24 -11.09
CA LEU F 77 32.48 44.08 -10.40
C LEU F 77 33.81 43.35 -10.18
N THR F 78 33.80 42.03 -10.20
CA THR F 78 35.04 41.27 -10.01
C THR F 78 35.60 40.63 -11.24
N ILE F 79 34.83 40.51 -12.32
CA ILE F 79 35.28 39.91 -13.54
C ILE F 79 35.38 40.99 -14.63
N LYS F 80 36.57 41.16 -15.22
CA LYS F 80 36.76 42.30 -16.16
C LYS F 80 35.92 42.23 -17.42
N LYS F 81 35.91 41.06 -18.07
CA LYS F 81 35.25 40.89 -19.34
C LYS F 81 34.21 39.76 -19.32
N PRO F 82 32.98 40.09 -18.91
CA PRO F 82 31.95 39.06 -18.83
C PRO F 82 31.61 38.44 -20.19
N MET F 83 31.45 37.12 -20.18
CA MET F 83 31.22 36.35 -21.40
C MET F 83 30.30 35.21 -21.07
N ASP F 84 29.33 34.91 -21.93
CA ASP F 84 28.51 33.72 -21.75
C ASP F 84 28.28 33.05 -23.11
N MET F 85 27.68 31.86 -23.11
CA MET F 85 27.54 31.13 -24.39
C MET F 85 26.56 31.80 -25.34
N GLU F 86 25.56 32.54 -24.85
CA GLU F 86 24.68 33.27 -25.77
C GLU F 86 25.44 34.39 -26.48
N LYS F 87 26.37 35.06 -25.78
CA LYS F 87 27.28 36.05 -26.41
C LYS F 87 28.15 35.41 -27.48
N ILE F 88 28.74 34.26 -27.19
CA ILE F 88 29.57 33.58 -28.19
C ILE F 88 28.71 33.22 -29.43
N ARG F 89 27.53 32.65 -29.19
CA ARG F 89 26.61 32.28 -30.30
C ARG F 89 26.24 33.46 -31.17
N SER F 90 25.92 34.56 -30.52
CA SER F 90 25.61 35.81 -31.23
C SER F 90 26.79 36.32 -32.10
N HIS F 91 28.01 36.25 -31.57
CA HIS F 91 29.20 36.61 -32.36
C HIS F 91 29.38 35.68 -33.56
N MET F 92 29.17 34.40 -33.31
CA MET F 92 29.30 33.37 -34.33
C MET F 92 28.29 33.62 -35.44
N MET F 93 27.04 33.86 -35.06
CA MET F 93 25.97 34.14 -36.02
C MET F 93 26.12 35.48 -36.76
N ALA F 94 26.93 36.39 -36.22
CA ALA F 94 27.22 37.70 -36.83
C ALA F 94 28.52 37.67 -37.65
N ASN F 95 29.05 36.48 -37.89
CA ASN F 95 30.27 36.27 -38.65
C ASN F 95 31.56 36.94 -38.10
N LYS F 96 31.62 37.11 -36.76
CA LYS F 96 32.76 37.69 -36.09
C LYS F 96 33.98 36.77 -36.07
N TYR F 97 33.77 35.45 -36.06
CA TYR F 97 34.92 34.55 -35.88
C TYR F 97 35.47 34.06 -37.23
N GLN F 98 36.75 34.32 -37.50
CA GLN F 98 37.39 33.86 -38.74
C GLN F 98 37.72 32.38 -38.77
N ASP F 99 38.04 31.81 -37.63
CA ASP F 99 38.37 30.40 -37.57
C ASP F 99 37.96 29.88 -36.19
N ILE F 100 38.19 28.61 -35.97
CA ILE F 100 37.81 27.92 -34.74
C ILE F 100 38.57 28.51 -33.54
N ASP F 101 39.86 28.77 -33.71
CA ASP F 101 40.68 29.37 -32.65
C ASP F 101 40.18 30.72 -32.11
N SER F 102 39.52 31.53 -32.94
CA SER F 102 38.96 32.77 -32.47
C SER F 102 37.78 32.50 -31.54
N MET F 103 36.90 31.60 -31.93
CA MET F 103 35.82 31.19 -31.01
C MET F 103 36.35 30.52 -29.74
N VAL F 104 37.33 29.63 -29.88
CA VAL F 104 37.93 28.98 -28.67
C VAL F 104 38.45 30.02 -27.65
N GLU F 105 39.00 31.13 -28.15
CA GLU F 105 39.50 32.18 -27.29
C GLU F 105 38.41 32.78 -26.37
N ASP F 106 37.20 33.01 -26.89
CA ASP F 106 36.09 33.50 -26.05
C ASP F 106 35.58 32.41 -25.06
N PHE F 107 35.57 31.13 -25.46
CA PHE F 107 35.26 30.03 -24.53
C PHE F 107 36.27 29.95 -23.39
N VAL F 108 37.54 30.09 -23.71
CA VAL F 108 38.58 30.10 -22.70
C VAL F 108 38.39 31.28 -21.76
N MET F 109 38.06 32.45 -22.29
CA MET F 109 37.81 33.60 -21.42
C MET F 109 36.63 33.28 -20.46
N MET F 110 35.50 32.81 -21.01
CA MET F 110 34.38 32.38 -20.20
C MET F 110 34.72 31.40 -19.08
N PHE F 111 35.42 30.32 -19.43
CA PHE F 111 35.71 29.32 -18.49
C PHE F 111 36.69 29.86 -17.44
N ASN F 112 37.69 30.64 -17.88
CA ASN F 112 38.61 31.22 -16.89
C ASN F 112 37.88 32.19 -15.93
N ASN F 113 36.95 32.99 -16.45
CA ASN F 113 36.10 33.83 -15.61
C ASN F 113 35.34 33.00 -14.61
N ALA F 114 34.75 31.89 -15.06
CA ALA F 114 34.05 31.02 -14.12
C ALA F 114 34.96 30.43 -13.04
N CYS F 115 36.18 30.09 -13.39
CA CYS F 115 37.16 29.57 -12.44
C CYS F 115 37.80 30.65 -11.58
N THR F 116 37.53 31.90 -11.85
CA THR F 116 37.94 33.02 -11.03
C THR F 116 36.81 33.38 -10.04
N TYR F 117 35.57 33.38 -10.51
CA TYR F 117 34.45 33.79 -9.68
C TYR F 117 34.03 32.73 -8.66
N ASN F 118 34.13 31.47 -9.09
CA ASN F 118 33.67 30.32 -8.28
C ASN F 118 34.87 29.60 -7.67
N GLU F 119 34.67 28.98 -6.51
CA GLU F 119 35.74 28.28 -5.85
C GLU F 119 36.08 26.95 -6.54
N PRO F 120 37.32 26.47 -6.38
CA PRO F 120 37.76 25.19 -6.98
C PRO F 120 36.89 23.97 -6.53
N GLU F 121 36.33 24.04 -5.32
CA GLU F 121 35.47 22.97 -4.85
C GLU F 121 34.10 22.94 -5.52
N SER F 122 33.72 24.01 -6.21
CA SER F 122 32.37 24.13 -6.69
C SER F 122 32.14 23.33 -7.98
N LEU F 123 30.90 22.95 -8.20
CA LEU F 123 30.48 22.35 -9.44
C LEU F 123 30.69 23.22 -10.67
N ILE F 124 30.47 24.52 -10.56
CA ILE F 124 30.61 25.36 -11.74
C ILE F 124 32.09 25.33 -12.20
N TYR F 125 32.98 25.40 -11.22
CA TYR F 125 34.41 25.34 -11.52
C TYR F 125 34.74 23.99 -12.21
N LYS F 126 34.28 22.90 -11.62
CA LYS F 126 34.56 21.58 -12.15
C LYS F 126 33.97 21.38 -13.55
N ASP F 127 32.76 21.91 -13.77
CA ASP F 127 32.12 21.81 -15.07
C ASP F 127 32.91 22.58 -16.13
N ALA F 128 33.47 23.72 -15.72
CA ALA F 128 34.24 24.54 -16.63
C ALA F 128 35.45 23.74 -17.18
N LEU F 129 36.12 22.99 -16.30
CA LEU F 129 37.26 22.17 -16.69
C LEU F 129 36.85 21.06 -17.71
N VAL F 130 35.72 20.41 -17.46
CA VAL F 130 35.26 19.31 -18.29
C VAL F 130 34.86 19.82 -19.64
N LEU F 131 34.11 20.93 -19.65
CA LEU F 131 33.69 21.53 -20.93
C LEU F 131 34.84 22.09 -21.79
N HIS F 132 35.90 22.61 -21.16
CA HIS F 132 37.11 23.01 -21.88
C HIS F 132 37.70 21.79 -22.58
N LYS F 133 37.73 20.67 -21.89
CA LYS F 133 38.26 19.46 -22.48
C LYS F 133 37.42 19.00 -23.68
N VAL F 134 36.08 19.00 -23.53
CA VAL F 134 35.14 18.75 -24.64
C VAL F 134 35.40 19.66 -25.86
N LEU F 135 35.58 20.95 -25.56
CA LEU F 135 35.79 21.93 -26.56
C LEU F 135 37.09 21.58 -27.35
N LEU F 136 38.18 21.27 -26.65
CA LEU F 136 39.45 20.98 -27.35
C LEU F 136 39.41 19.64 -28.07
N GLU F 137 38.78 18.65 -27.45
CA GLU F 137 38.61 17.38 -28.10
C GLU F 137 37.78 17.50 -29.39
N THR F 138 36.83 18.44 -29.42
CA THR F 138 35.96 18.63 -30.59
C THR F 138 36.73 19.35 -31.71
N ARG F 139 37.50 20.37 -31.35
CA ARG F 139 38.39 21.03 -32.32
C ARG F 139 39.31 20.01 -33.02
N ARG F 140 39.98 19.19 -32.22
CA ARG F 140 40.87 18.13 -32.70
C ARG F 140 40.19 17.19 -33.72
N ASP F 141 38.95 16.79 -33.41
CA ASP F 141 38.16 15.89 -34.27
C ASP F 141 37.71 16.51 -35.62
N LEU F 142 37.75 17.85 -35.74
CA LEU F 142 37.43 18.55 -37.00
C LEU F 142 38.65 19.12 -37.75
N GLU F 143 39.87 18.83 -37.29
CA GLU F 143 41.09 19.41 -37.89
C GLU F 143 42.31 18.58 -37.58
N LYS G 32 -42.44 -13.28 9.06
CA LYS G 32 -41.13 -12.98 8.44
C LYS G 32 -40.04 -14.04 8.70
N TYR G 33 -40.33 -14.98 9.60
CA TYR G 33 -39.38 -16.05 9.94
C TYR G 33 -39.87 -17.36 9.39
N MET G 34 -39.07 -18.00 8.56
CA MET G 34 -39.51 -19.23 7.90
C MET G 34 -39.36 -20.42 8.84
N THR G 35 -40.35 -21.32 8.83
CA THR G 35 -40.24 -22.55 9.55
C THR G 35 -39.16 -23.43 8.92
N PRO G 36 -38.70 -24.43 9.67
CA PRO G 36 -37.79 -25.41 9.12
C PRO G 36 -38.32 -26.12 7.87
N MET G 37 -39.60 -26.50 7.90
CA MET G 37 -40.26 -27.04 6.66
C MET G 37 -40.12 -26.06 5.49
N GLN G 38 -40.45 -24.79 5.68
CA GLN G 38 -40.37 -23.82 4.60
C GLN G 38 -38.93 -23.71 4.10
N GLN G 39 -37.97 -23.80 5.03
CA GLN G 39 -36.58 -23.72 4.66
C GLN G 39 -36.17 -24.92 3.83
N LYS G 40 -36.65 -26.11 4.19
CA LYS G 40 -36.32 -27.31 3.40
C LYS G 40 -36.98 -27.24 1.99
N LEU G 41 -38.23 -26.78 1.94
CA LEU G 41 -38.94 -26.57 0.65
C LEU G 41 -38.15 -25.64 -0.25
N ASN G 42 -37.73 -24.52 0.33
CA ASN G 42 -36.94 -23.58 -0.44
C ASN G 42 -35.61 -24.17 -0.93
N GLU G 43 -34.95 -24.96 -0.10
CA GLU G 43 -33.69 -25.59 -0.50
C GLU G 43 -33.83 -26.57 -1.67
N VAL G 44 -34.90 -27.35 -1.65
CA VAL G 44 -35.20 -28.26 -2.75
C VAL G 44 -35.48 -27.45 -4.02
N TYR G 45 -36.30 -26.41 -3.90
CA TYR G 45 -36.62 -25.58 -5.07
C TYR G 45 -35.32 -25.03 -5.66
N GLU G 46 -34.44 -24.50 -4.81
CA GLU G 46 -33.25 -23.82 -5.29
C GLU G 46 -32.24 -24.82 -5.81
N ALA G 47 -32.25 -26.03 -5.28
CA ALA G 47 -31.36 -27.06 -5.79
C ALA G 47 -31.71 -27.37 -7.28
N VAL G 48 -33.00 -27.43 -7.57
CA VAL G 48 -33.45 -27.67 -8.95
C VAL G 48 -33.16 -26.44 -9.84
N LYS G 49 -33.55 -25.26 -9.37
CA LYS G 49 -33.36 -24.01 -10.11
C LYS G 49 -31.88 -23.73 -10.46
N ASN G 50 -30.98 -24.02 -9.52
CA ASN G 50 -29.58 -23.60 -9.62
C ASN G 50 -28.65 -24.61 -10.22
N TYR G 51 -29.07 -25.86 -10.32
CA TYR G 51 -28.28 -26.87 -10.96
C TYR G 51 -27.69 -26.42 -12.31
N THR G 52 -26.40 -26.64 -12.50
CA THR G 52 -25.75 -26.39 -13.78
C THR G 52 -25.02 -27.62 -14.28
N ASP G 53 -24.93 -27.73 -15.60
CA ASP G 53 -24.16 -28.80 -16.20
C ASP G 53 -22.66 -28.38 -16.19
N LYS G 54 -21.81 -29.26 -16.70
CA LYS G 54 -20.37 -29.10 -16.77
C LYS G 54 -19.99 -27.84 -17.55
N ARG G 55 -20.78 -27.50 -18.57
CA ARG G 55 -20.59 -26.23 -19.30
C ARG G 55 -21.17 -24.94 -18.63
N GLY G 56 -21.69 -25.03 -17.41
CA GLY G 56 -22.20 -23.84 -16.65
C GLY G 56 -23.65 -23.44 -16.96
N ARG G 57 -24.33 -24.23 -17.78
CA ARG G 57 -25.69 -23.93 -18.18
C ARG G 57 -26.71 -24.35 -17.09
N ARG G 58 -27.57 -23.40 -16.68
CA ARG G 58 -28.70 -23.70 -15.80
C ARG G 58 -29.83 -24.41 -16.53
N LEU G 59 -29.96 -25.70 -16.26
CA LEU G 59 -30.97 -26.56 -16.97
C LEU G 59 -32.38 -26.03 -16.73
N SER G 60 -32.63 -25.37 -15.58
CA SER G 60 -33.99 -24.93 -15.23
C SER G 60 -34.58 -23.82 -16.12
N ALA G 61 -33.75 -23.11 -16.91
CA ALA G 61 -34.15 -21.91 -17.62
C ALA G 61 -35.49 -22.05 -18.41
N ILE G 62 -35.59 -23.09 -19.21
CA ILE G 62 -36.78 -23.33 -20.01
C ILE G 62 -38.00 -23.64 -19.13
N PHE G 63 -37.77 -24.14 -17.90
CA PHE G 63 -38.89 -24.61 -17.05
C PHE G 63 -39.47 -23.52 -16.16
N LEU G 64 -38.79 -22.40 -16.05
CA LEU G 64 -39.29 -21.30 -15.22
C LEU G 64 -40.71 -20.91 -15.53
N ARG G 65 -41.05 -20.78 -16.84
CA ARG G 65 -42.39 -20.41 -17.16
C ARG G 65 -42.74 -20.99 -18.50
N LEU G 66 -43.86 -21.69 -18.56
CA LEU G 66 -44.40 -22.12 -19.85
C LEU G 66 -44.72 -20.90 -20.71
N PRO G 67 -44.58 -21.02 -22.08
CA PRO G 67 -45.15 -20.01 -22.95
C PRO G 67 -46.66 -19.91 -22.69
N SER G 68 -47.26 -18.78 -23.00
CA SER G 68 -48.71 -18.63 -22.84
C SER G 68 -49.47 -19.48 -23.83
N ARG G 69 -50.80 -19.60 -23.58
CA ARG G 69 -51.71 -20.33 -24.45
C ARG G 69 -51.74 -19.77 -25.88
N SER G 70 -51.50 -18.46 -26.05
CA SER G 70 -51.34 -17.81 -27.40
C SER G 70 -50.02 -18.11 -28.04
N GLU G 71 -48.96 -18.18 -27.19
CA GLU G 71 -47.65 -18.42 -27.66
C GLU G 71 -47.38 -19.83 -28.12
N LEU G 72 -47.95 -20.84 -27.45
CA LEU G 72 -47.69 -22.25 -27.83
C LEU G 72 -48.96 -23.05 -27.64
N PRO G 73 -49.99 -22.83 -28.51
CA PRO G 73 -51.33 -23.41 -28.29
C PRO G 73 -51.34 -24.93 -28.22
N ASP G 74 -50.47 -25.54 -28.99
CA ASP G 74 -50.53 -26.98 -29.13
C ASP G 74 -50.04 -27.66 -27.86
N TYR G 75 -49.26 -26.99 -27.03
CA TYR G 75 -48.87 -27.56 -25.72
C TYR G 75 -50.08 -27.86 -24.85
N TYR G 76 -51.00 -26.89 -24.80
CA TYR G 76 -52.17 -26.95 -23.92
C TYR G 76 -53.28 -27.89 -24.41
N LEU G 77 -53.23 -28.23 -25.69
CA LEU G 77 -54.13 -29.24 -26.25
C LEU G 77 -53.63 -30.62 -25.93
N THR G 78 -52.34 -30.74 -25.67
CA THR G 78 -51.66 -32.06 -25.41
C THR G 78 -51.53 -32.38 -23.93
N ILE G 79 -51.17 -31.37 -23.15
CA ILE G 79 -50.82 -31.53 -21.74
C ILE G 79 -52.01 -31.03 -20.91
N LYS G 80 -52.64 -31.98 -20.20
CA LYS G 80 -53.86 -31.67 -19.44
C LYS G 80 -53.73 -30.89 -18.15
N LYS G 81 -52.57 -30.99 -17.47
CA LYS G 81 -52.32 -30.28 -16.25
C LYS G 81 -50.98 -29.52 -16.35
N PRO G 82 -51.03 -28.31 -16.90
CA PRO G 82 -49.83 -27.47 -17.08
C PRO G 82 -49.23 -27.16 -15.73
N MET G 83 -47.91 -27.22 -15.68
CA MET G 83 -47.14 -26.88 -14.49
C MET G 83 -45.84 -26.25 -14.90
N ASP G 84 -45.39 -25.20 -14.17
CA ASP G 84 -44.03 -24.66 -14.40
C ASP G 84 -43.46 -24.24 -13.06
N MET G 85 -42.21 -23.85 -13.04
CA MET G 85 -41.52 -23.58 -11.75
C MET G 85 -42.03 -22.31 -11.10
N GLU G 86 -42.49 -21.37 -11.87
CA GLU G 86 -43.10 -20.20 -11.25
C GLU G 86 -44.41 -20.53 -10.52
N LYS G 87 -45.20 -21.47 -11.05
CA LYS G 87 -46.40 -21.87 -10.36
C LYS G 87 -45.99 -22.57 -9.02
N ILE G 88 -44.98 -23.44 -9.08
CA ILE G 88 -44.49 -24.12 -7.89
C ILE G 88 -43.99 -23.09 -6.87
N ARG G 89 -43.17 -22.16 -7.35
CA ARG G 89 -42.64 -21.12 -6.43
C ARG G 89 -43.77 -20.32 -5.76
N SER G 90 -44.82 -20.01 -6.51
CA SER G 90 -45.96 -19.26 -6.00
C SER G 90 -46.74 -20.05 -4.89
N HIS G 91 -46.88 -21.35 -5.13
CA HIS G 91 -47.52 -22.20 -4.14
CA HIS G 91 -47.52 -22.29 -4.19
C HIS G 91 -46.70 -22.31 -2.89
N MET G 92 -45.38 -22.38 -3.04
CA MET G 92 -44.46 -22.50 -1.92
C MET G 92 -44.48 -21.20 -1.13
N MET G 93 -44.47 -20.05 -1.81
CA MET G 93 -44.53 -18.72 -1.12
C MET G 93 -45.86 -18.45 -0.39
N ALA G 94 -46.95 -19.04 -0.85
CA ALA G 94 -48.25 -18.94 -0.17
C ALA G 94 -48.42 -20.04 0.88
N ASN G 95 -47.32 -20.72 1.22
CA ASN G 95 -47.35 -21.78 2.21
C ASN G 95 -48.32 -22.88 1.94
N LYS G 96 -48.39 -23.30 0.71
CA LYS G 96 -49.38 -24.28 0.34
C LYS G 96 -48.88 -25.73 0.37
N TYR G 97 -47.58 -25.98 0.50
CA TYR G 97 -47.04 -27.36 0.45
C TYR G 97 -46.97 -27.80 1.88
N GLN G 98 -47.63 -28.90 2.22
CA GLN G 98 -47.61 -29.36 3.62
C GLN G 98 -46.37 -30.17 3.93
N ASP G 99 -45.68 -30.67 2.91
CA ASP G 99 -44.39 -31.36 3.13
C ASP G 99 -43.59 -31.46 1.82
N ILE G 100 -42.40 -32.03 1.89
CA ILE G 100 -41.51 -32.08 0.72
C ILE G 100 -42.12 -32.93 -0.41
N ASP G 101 -42.73 -34.05 -0.04
CA ASP G 101 -43.29 -34.92 -1.07
C ASP G 101 -44.34 -34.22 -1.96
N SER G 102 -45.12 -33.32 -1.36
CA SER G 102 -46.16 -32.60 -2.08
C SER G 102 -45.56 -31.68 -3.18
N MET G 103 -44.44 -31.06 -2.88
CA MET G 103 -43.72 -30.27 -3.88
C MET G 103 -43.03 -31.15 -4.93
N VAL G 104 -42.45 -32.27 -4.50
CA VAL G 104 -41.82 -33.20 -5.41
C VAL G 104 -42.84 -33.65 -6.46
N GLU G 105 -44.09 -33.90 -6.04
CA GLU G 105 -45.14 -34.32 -6.95
C GLU G 105 -45.40 -33.32 -8.08
N ASP G 106 -45.39 -32.03 -7.77
CA ASP G 106 -45.62 -31.00 -8.78
C ASP G 106 -44.38 -30.93 -9.74
N PHE G 107 -43.19 -31.03 -9.21
CA PHE G 107 -41.97 -31.11 -10.09
C PHE G 107 -42.07 -32.30 -11.02
N VAL G 108 -42.45 -33.47 -10.47
CA VAL G 108 -42.49 -34.68 -11.31
C VAL G 108 -43.55 -34.53 -12.40
N MET G 109 -44.72 -33.98 -12.06
CA MET G 109 -45.70 -33.70 -13.07
C MET G 109 -45.13 -32.80 -14.19
N MET G 110 -44.41 -31.74 -13.82
CA MET G 110 -43.77 -30.85 -14.79
C MET G 110 -42.78 -31.57 -15.70
N PHE G 111 -41.91 -32.39 -15.10
CA PHE G 111 -40.93 -33.10 -15.90
C PHE G 111 -41.61 -34.19 -16.79
N ASN G 112 -42.60 -34.91 -16.23
CA ASN G 112 -43.43 -35.79 -17.05
C ASN G 112 -44.09 -35.13 -18.23
N ASN G 113 -44.64 -33.95 -18.01
CA ASN G 113 -45.23 -33.19 -19.05
C ASN G 113 -44.22 -32.84 -20.12
N ALA G 114 -43.06 -32.31 -19.69
CA ALA G 114 -42.03 -31.97 -20.67
C ALA G 114 -41.57 -33.17 -21.53
N CYS G 115 -41.46 -34.35 -20.91
CA CYS G 115 -41.10 -35.59 -21.65
C CYS G 115 -42.28 -36.15 -22.48
N THR G 116 -43.50 -35.65 -22.25
CA THR G 116 -44.64 -36.03 -23.09
C THR G 116 -44.71 -35.19 -24.35
N TYR G 117 -44.44 -33.89 -24.18
CA TYR G 117 -44.62 -32.90 -25.22
C TYR G 117 -43.43 -32.95 -26.16
N ASN G 118 -42.21 -32.97 -25.60
CA ASN G 118 -40.97 -32.90 -26.39
C ASN G 118 -40.45 -34.28 -26.73
N GLU G 119 -39.73 -34.35 -27.83
CA GLU G 119 -39.17 -35.67 -28.27
C GLU G 119 -37.95 -36.09 -27.42
N PRO G 120 -37.67 -37.44 -27.32
CA PRO G 120 -36.53 -37.87 -26.51
C PRO G 120 -35.19 -37.32 -26.95
N GLU G 121 -35.05 -36.98 -28.22
CA GLU G 121 -33.78 -36.40 -28.72
C GLU G 121 -33.53 -34.94 -28.31
N SER G 122 -34.59 -34.27 -27.88
CA SER G 122 -34.52 -32.82 -27.67
C SER G 122 -33.78 -32.53 -26.37
N LEU G 123 -33.07 -31.40 -26.35
CA LEU G 123 -32.40 -31.02 -25.11
C LEU G 123 -33.38 -30.76 -23.94
N ILE G 124 -34.56 -30.27 -24.23
CA ILE G 124 -35.56 -30.06 -23.15
C ILE G 124 -35.91 -31.37 -22.47
N TYR G 125 -36.17 -32.42 -23.27
CA TYR G 125 -36.44 -33.78 -22.74
C TYR G 125 -35.29 -34.25 -21.87
N LYS G 126 -34.08 -34.13 -22.39
CA LYS G 126 -32.93 -34.64 -21.67
C LYS G 126 -32.67 -33.88 -20.36
N ASP G 127 -32.92 -32.55 -20.40
CA ASP G 127 -32.82 -31.70 -19.22
C ASP G 127 -33.85 -32.10 -18.14
N ALA G 128 -35.08 -32.40 -18.55
CA ALA G 128 -36.10 -32.83 -17.64
C ALA G 128 -35.67 -34.10 -16.94
N LEU G 129 -35.07 -35.02 -17.67
CA LEU G 129 -34.62 -36.27 -17.03
C LEU G 129 -33.57 -36.02 -15.96
N VAL G 130 -32.55 -35.23 -16.31
CA VAL G 130 -31.52 -34.81 -15.36
C VAL G 130 -32.07 -34.11 -14.15
N LEU G 131 -32.92 -33.10 -14.34
CA LEU G 131 -33.51 -32.40 -13.20
C LEU G 131 -34.42 -33.24 -12.29
N HIS G 132 -35.16 -34.19 -12.89
CA HIS G 132 -35.92 -35.20 -12.12
C HIS G 132 -34.96 -35.98 -11.22
N LYS G 133 -33.81 -36.38 -11.76
CA LYS G 133 -32.83 -37.13 -10.92
C LYS G 133 -32.24 -36.27 -9.80
N VAL G 134 -31.92 -35.02 -10.14
CA VAL G 134 -31.41 -34.02 -9.16
C VAL G 134 -32.40 -33.81 -8.04
N LEU G 135 -33.68 -33.65 -8.39
CA LEU G 135 -34.74 -33.52 -7.38
C LEU G 135 -34.79 -34.71 -6.40
N LEU G 136 -34.74 -35.92 -6.96
CA LEU G 136 -34.82 -37.13 -6.12
C LEU G 136 -33.60 -37.28 -5.24
N GLU G 137 -32.42 -36.98 -5.77
CA GLU G 137 -31.16 -36.97 -4.98
C GLU G 137 -31.17 -35.96 -3.84
N THR G 138 -31.67 -34.76 -4.12
CA THR G 138 -31.80 -33.67 -3.14
C THR G 138 -32.71 -34.09 -2.01
N ARG G 139 -33.90 -34.61 -2.34
CA ARG G 139 -34.83 -35.08 -1.32
C ARG G 139 -34.18 -36.18 -0.47
N ARG G 140 -33.44 -37.06 -1.12
CA ARG G 140 -32.75 -38.15 -0.38
C ARG G 140 -31.67 -37.56 0.60
N ASP G 141 -30.87 -36.63 0.11
CA ASP G 141 -29.82 -35.98 0.90
C ASP G 141 -30.40 -35.22 2.08
N LEU G 142 -31.58 -34.63 1.91
CA LEU G 142 -32.22 -33.90 3.00
C LEU G 142 -33.13 -34.72 3.89
N GLU G 143 -33.01 -36.05 3.85
CA GLU G 143 -33.78 -37.00 4.67
C GLU G 143 -33.98 -36.54 6.14
N LYS H 32 18.88 2.02 48.30
CA LYS H 32 18.83 0.53 48.35
C LYS H 32 20.17 -0.07 47.88
N TYR H 33 20.51 -1.19 48.50
CA TYR H 33 21.66 -2.03 48.22
C TYR H 33 21.14 -3.26 47.50
N MET H 34 22.04 -4.13 47.02
CA MET H 34 21.63 -5.29 46.20
C MET H 34 21.64 -6.58 46.99
N THR H 35 20.68 -7.46 46.72
CA THR H 35 20.70 -8.79 47.27
C THR H 35 21.86 -9.56 46.64
N PRO H 36 22.26 -10.70 47.22
CA PRO H 36 23.23 -11.59 46.58
C PRO H 36 22.78 -12.10 45.22
N MET H 37 21.52 -12.48 45.10
CA MET H 37 20.99 -12.84 43.76
C MET H 37 21.19 -11.69 42.76
N GLN H 38 20.86 -10.45 43.15
CA GLN H 38 21.03 -9.33 42.26
C GLN H 38 22.47 -9.14 41.82
N GLN H 39 23.40 -9.39 42.73
CA GLN H 39 24.83 -9.34 42.41
C GLN H 39 25.24 -10.44 41.45
N LYS H 40 24.68 -11.63 41.62
CA LYS H 40 25.03 -12.73 40.73
C LYS H 40 24.51 -12.42 39.32
N LEU H 41 23.28 -11.92 39.25
CA LEU H 41 22.65 -11.52 37.95
C LEU H 41 23.44 -10.41 37.31
N ASN H 42 23.85 -9.44 38.12
CA ASN H 42 24.64 -8.34 37.65
C ASN H 42 26.00 -8.75 37.08
N GLU H 43 26.59 -9.81 37.63
CA GLU H 43 27.82 -10.36 37.09
C GLU H 43 27.59 -10.91 35.69
N VAL H 44 26.47 -11.59 35.47
CA VAL H 44 26.15 -12.16 34.16
C VAL H 44 25.83 -11.05 33.16
N TYR H 45 25.02 -10.09 33.59
CA TYR H 45 24.67 -8.92 32.78
C TYR H 45 25.93 -8.17 32.31
N GLU H 46 26.81 -7.80 33.24
CA GLU H 46 28.06 -7.16 32.89
C GLU H 46 28.97 -7.98 31.95
N ALA H 47 29.02 -9.29 32.13
CA ALA H 47 29.80 -10.19 31.25
C ALA H 47 29.38 -10.05 29.78
N VAL H 48 28.08 -10.08 29.58
CA VAL H 48 27.53 -9.86 28.24
C VAL H 48 27.76 -8.43 27.73
N LYS H 49 27.51 -7.43 28.58
CA LYS H 49 27.69 -6.02 28.19
C LYS H 49 29.12 -5.72 27.77
N ASN H 50 30.06 -6.27 28.56
CA ASN H 50 31.47 -5.94 28.43
C ASN H 50 32.26 -6.76 27.44
N TYR H 51 31.66 -7.83 26.95
CA TYR H 51 32.37 -8.67 26.02
C TYR H 51 32.94 -7.86 24.82
N THR H 52 34.19 -8.11 24.46
CA THR H 52 34.76 -7.54 23.24
C THR H 52 35.33 -8.64 22.40
N ASP H 53 35.21 -8.50 21.08
CA ASP H 53 35.83 -9.42 20.18
C ASP H 53 37.32 -9.10 20.06
N LYS H 54 37.99 -9.86 19.22
CA LYS H 54 39.43 -9.74 19.04
C LYS H 54 39.80 -8.41 18.38
N ARG H 55 38.88 -7.76 17.67
CA ARG H 55 39.19 -6.42 17.16
C ARG H 55 38.85 -5.31 18.17
N GLY H 56 38.45 -5.72 19.38
CA GLY H 56 38.12 -4.84 20.47
C GLY H 56 36.73 -4.23 20.45
N ARG H 57 35.81 -4.72 19.65
CA ARG H 57 34.49 -4.12 19.55
C ARG H 57 33.62 -4.76 20.62
N ARG H 58 32.84 -3.95 21.31
CA ARG H 58 31.91 -4.42 22.33
C ARG H 58 30.61 -4.73 21.55
N LEU H 59 30.29 -6.01 21.46
CA LEU H 59 29.16 -6.45 20.65
C LEU H 59 27.86 -5.96 21.18
N SER H 60 27.79 -5.68 22.48
CA SER H 60 26.54 -5.24 23.11
C SER H 60 26.03 -3.86 22.65
N ALA H 61 26.84 -3.06 21.97
CA ALA H 61 26.47 -1.68 21.64
C ALA H 61 25.06 -1.49 21.07
N ILE H 62 24.70 -2.25 20.06
CA ILE H 62 23.42 -2.04 19.40
C ILE H 62 22.24 -2.55 20.28
N PHE H 63 22.53 -3.52 21.17
CA PHE H 63 21.52 -4.12 22.07
C PHE H 63 21.18 -3.32 23.34
N LEU H 64 21.98 -2.32 23.69
CA LEU H 64 21.76 -1.59 24.91
C LEU H 64 20.38 -0.89 24.94
N ARG H 65 20.00 -0.24 23.82
CA ARG H 65 18.75 0.49 23.78
C ARG H 65 18.14 0.48 22.38
N LEU H 66 16.93 -0.05 22.27
CA LEU H 66 16.20 -0.07 20.99
C LEU H 66 15.84 1.36 20.69
N PRO H 67 15.79 1.74 19.41
CA PRO H 67 15.22 3.06 19.11
C PRO H 67 13.75 3.15 19.50
N SER H 68 13.23 4.39 19.59
CA SER H 68 11.83 4.58 19.98
C SER H 68 10.91 4.12 18.87
N ARG H 69 9.62 3.96 19.21
CA ARG H 69 8.62 3.69 18.20
C ARG H 69 8.59 4.71 17.11
N SER H 70 8.75 6.01 17.41
CA SER H 70 8.80 7.04 16.36
CA SER H 70 8.73 6.98 16.30
C SER H 70 10.00 6.88 15.46
N GLU H 71 11.13 6.45 16.05
CA GLU H 71 12.39 6.30 15.28
C GLU H 71 12.45 5.06 14.40
N LEU H 72 11.83 3.97 14.84
CA LEU H 72 11.90 2.69 14.13
C LEU H 72 10.57 1.90 14.26
N PRO H 73 9.48 2.46 13.69
CA PRO H 73 8.16 1.88 13.89
C PRO H 73 8.05 0.45 13.35
N ASP H 74 8.75 0.09 12.27
CA ASP H 74 8.56 -1.28 11.71
C ASP H 74 9.06 -2.33 12.64
N TYR H 75 10.03 -1.98 13.48
CA TYR H 75 10.47 -2.94 14.52
C TYR H 75 9.29 -3.37 15.46
N TYR H 76 8.61 -2.39 16.03
CA TYR H 76 7.53 -2.65 17.00
C TYR H 76 6.31 -3.28 16.36
N LEU H 77 6.10 -3.05 15.06
CA LEU H 77 4.98 -3.69 14.34
C LEU H 77 5.27 -5.14 13.95
N THR H 78 6.53 -5.51 13.87
CA THR H 78 6.85 -6.89 13.51
C THR H 78 7.38 -7.76 14.64
N ILE H 79 7.79 -7.19 15.77
CA ILE H 79 8.33 -7.93 16.92
C ILE H 79 7.32 -7.79 18.08
N LYS H 80 6.81 -8.91 18.57
CA LYS H 80 5.70 -8.89 19.53
C LYS H 80 6.10 -8.30 20.91
N LYS H 81 7.26 -8.70 21.44
CA LYS H 81 7.68 -8.29 22.77
C LYS H 81 9.06 -7.63 22.72
N PRO H 82 9.07 -6.34 22.44
CA PRO H 82 10.41 -5.65 22.36
C PRO H 82 11.18 -5.69 23.67
N MET H 83 12.49 -5.88 23.58
CA MET H 83 13.37 -6.07 24.75
C MET H 83 14.72 -5.55 24.42
N ASP H 84 15.35 -4.84 25.36
CA ASP H 84 16.71 -4.36 25.17
C ASP H 84 17.43 -4.47 26.49
N MET H 85 18.73 -4.30 26.45
CA MET H 85 19.54 -4.54 27.67
C MET H 85 19.23 -3.58 28.82
N GLU H 86 18.85 -2.35 28.51
CA GLU H 86 18.51 -1.40 29.55
C GLU H 86 17.22 -1.80 30.24
N LYS H 87 16.31 -2.44 29.50
CA LYS H 87 15.12 -3.00 30.13
C LYS H 87 15.43 -4.18 31.04
N ILE H 88 16.32 -5.06 30.60
CA ILE H 88 16.75 -6.19 31.41
C ILE H 88 17.42 -5.67 32.71
N ARG H 89 18.27 -4.66 32.55
CA ARG H 89 18.96 -4.09 33.72
C ARG H 89 17.95 -3.52 34.73
N SER H 90 16.94 -2.86 34.18
CA SER H 90 15.90 -2.24 34.95
C SER H 90 15.12 -3.27 35.75
N HIS H 91 14.79 -4.37 35.07
CA HIS H 91 14.09 -5.53 35.73
C HIS H 91 14.99 -6.06 36.82
N MET H 92 16.27 -6.21 36.50
CA MET H 92 17.20 -6.78 37.46
C MET H 92 17.27 -5.93 38.72
N MET H 93 17.36 -4.62 38.55
CA MET H 93 17.50 -3.69 39.69
C MET H 93 16.21 -3.56 40.48
N ALA H 94 15.07 -3.75 39.82
CA ALA H 94 13.77 -3.75 40.49
C ALA H 94 13.42 -5.13 41.14
N ASN H 95 14.39 -6.04 41.23
CA ASN H 95 14.21 -7.33 41.89
C ASN H 95 13.14 -8.24 41.28
N LYS H 96 12.99 -8.15 39.94
CA LYS H 96 11.97 -8.90 39.25
C LYS H 96 12.47 -10.26 38.73
N TYR H 97 13.78 -10.51 38.73
CA TYR H 97 14.29 -11.82 38.36
C TYR H 97 14.48 -12.75 39.57
N GLN H 98 13.88 -13.94 39.51
CA GLN H 98 14.02 -14.95 40.56
C GLN H 98 15.40 -15.58 40.63
N ASP H 99 16.01 -15.78 39.47
CA ASP H 99 17.26 -16.52 39.38
C ASP H 99 17.85 -16.28 38.02
N ILE H 100 19.02 -16.90 37.75
CA ILE H 100 19.75 -16.64 36.52
C ILE H 100 18.90 -17.05 35.34
N ASP H 101 18.20 -18.18 35.47
CA ASP H 101 17.34 -18.65 34.37
C ASP H 101 16.25 -17.65 33.92
N SER H 102 15.70 -16.90 34.88
CA SER H 102 14.71 -15.89 34.54
C SER H 102 15.25 -14.74 33.71
N MET H 103 16.45 -14.28 34.06
CA MET H 103 17.12 -13.23 33.28
C MET H 103 17.57 -13.76 31.93
N VAL H 104 18.05 -15.01 31.87
CA VAL H 104 18.43 -15.65 30.59
C VAL H 104 17.22 -15.65 29.61
N GLU H 105 16.02 -15.87 30.14
CA GLU H 105 14.83 -15.89 29.31
C GLU H 105 14.63 -14.53 28.55
N ASP H 106 14.89 -13.39 29.19
CA ASP H 106 14.74 -12.05 28.54
C ASP H 106 15.87 -11.75 27.57
N PHE H 107 17.08 -12.23 27.87
CA PHE H 107 18.17 -12.17 26.88
C PHE H 107 17.84 -13.00 25.64
N VAL H 108 17.31 -14.21 25.84
CA VAL H 108 17.00 -15.08 24.74
C VAL H 108 15.90 -14.46 23.86
N MET H 109 14.87 -13.92 24.49
CA MET H 109 13.84 -13.13 23.75
C MET H 109 14.49 -12.03 22.92
N MET H 110 15.32 -11.22 23.56
CA MET H 110 16.02 -10.13 22.88
C MET H 110 16.83 -10.63 21.65
N PHE H 111 17.62 -11.68 21.82
CA PHE H 111 18.46 -12.17 20.75
C PHE H 111 17.61 -12.81 19.68
N ASN H 112 16.51 -13.47 20.08
CA ASN H 112 15.66 -14.08 19.09
C ASN H 112 14.94 -13.04 18.27
N ASN H 113 14.53 -11.97 18.96
CA ASN H 113 13.93 -10.81 18.29
C ASN H 113 14.93 -10.22 17.28
N ALA H 114 16.18 -10.02 17.72
CA ALA H 114 17.17 -9.50 16.76
C ALA H 114 17.39 -10.36 15.53
N CYS H 115 17.40 -11.69 15.73
CA CYS H 115 17.47 -12.65 14.63
C CYS H 115 16.20 -12.81 13.82
N THR H 116 15.09 -12.21 14.25
CA THR H 116 13.86 -12.13 13.47
C THR H 116 13.84 -10.88 12.58
N TYR H 117 14.23 -9.75 13.16
CA TYR H 117 14.09 -8.45 12.50
C TYR H 117 15.24 -8.26 11.50
N ASN H 118 16.41 -8.81 11.79
CA ASN H 118 17.60 -8.63 10.97
C ASN H 118 17.88 -9.91 10.17
N GLU H 119 18.53 -9.76 9.02
CA GLU H 119 18.77 -10.93 8.12
C GLU H 119 19.95 -11.76 8.67
N PRO H 120 20.01 -13.06 8.34
CA PRO H 120 21.14 -13.89 8.78
C PRO H 120 22.54 -13.42 8.43
N GLU H 121 22.66 -12.67 7.34
CA GLU H 121 23.98 -12.23 6.88
C GLU H 121 24.48 -11.01 7.59
N SER H 122 23.62 -10.44 8.43
CA SER H 122 23.91 -9.15 9.02
C SER H 122 24.77 -9.28 10.24
N LEU H 123 25.48 -8.20 10.56
CA LEU H 123 26.29 -8.17 11.75
C LEU H 123 25.46 -8.28 13.04
N ILE H 124 24.28 -7.67 13.08
CA ILE H 124 23.50 -7.73 14.30
C ILE H 124 23.08 -9.18 14.58
N TYR H 125 22.61 -9.88 13.55
CA TYR H 125 22.27 -11.30 13.69
C TYR H 125 23.47 -12.12 14.21
N LYS H 126 24.63 -11.96 13.56
CA LYS H 126 25.83 -12.65 13.95
C LYS H 126 26.28 -12.33 15.40
N ASP H 127 26.22 -11.06 15.79
CA ASP H 127 26.55 -10.65 17.15
C ASP H 127 25.62 -11.29 18.20
N ALA H 128 24.34 -11.40 17.88
CA ALA H 128 23.35 -12.05 18.77
C ALA H 128 23.74 -13.47 19.09
N LEU H 129 24.25 -14.19 18.09
CA LEU H 129 24.71 -15.58 18.24
C LEU H 129 25.91 -15.64 19.16
N VAL H 130 26.90 -14.78 18.92
CA VAL H 130 28.10 -14.71 19.78
C VAL H 130 27.74 -14.38 21.25
N LEU H 131 26.94 -13.34 21.48
CA LEU H 131 26.58 -12.93 22.83
C LEU H 131 25.70 -13.95 23.53
N HIS H 132 24.87 -14.68 22.79
CA HIS H 132 24.12 -15.78 23.43
C HIS H 132 25.10 -16.85 23.96
N LYS H 133 26.12 -17.15 23.17
CA LYS H 133 27.16 -18.10 23.61
C LYS H 133 27.90 -17.59 24.86
N VAL H 134 28.30 -16.31 24.87
CA VAL H 134 28.93 -15.67 26.04
C VAL H 134 28.03 -15.77 27.25
N LEU H 135 26.75 -15.47 27.08
CA LEU H 135 25.79 -15.56 28.19
C LEU H 135 25.73 -17.00 28.80
N LEU H 136 25.65 -18.01 27.96
CA LEU H 136 25.61 -19.38 28.48
C LEU H 136 26.91 -19.84 29.14
N GLU H 137 28.04 -19.43 28.60
CA GLU H 137 29.34 -19.74 29.16
C GLU H 137 29.45 -19.10 30.53
N THR H 138 28.92 -17.89 30.66
CA THR H 138 29.01 -17.17 31.92
C THR H 138 28.13 -17.83 32.97
N ARG H 139 26.92 -18.23 32.59
CA ARG H 139 26.02 -18.89 33.54
C ARG H 139 26.67 -20.17 34.06
N ARG H 140 27.18 -20.96 33.12
CA ARG H 140 27.90 -22.21 33.43
C ARG H 140 29.03 -21.95 34.42
N ASP H 141 29.88 -20.97 34.15
CA ASP H 141 30.98 -20.63 35.06
C ASP H 141 30.51 -20.37 36.50
N LEU H 142 29.36 -19.76 36.68
CA LEU H 142 28.77 -19.64 38.01
C LEU H 142 27.95 -20.90 38.30
C1 EDO I . 8.99 29.62 -1.21
O1 EDO I . 9.11 29.31 0.18
C2 EDO I . 9.87 28.80 -2.13
O2 EDO I . 9.00 27.69 -2.38
C4 2XD J . 20.81 23.88 -5.21
C14 2XD J . 25.08 26.93 -4.49
C14 2XD J . 24.90 27.20 -4.95
C5 2XD J . 20.33 24.47 -4.00
C6 2XD J . 21.09 25.59 -3.36
C11 2XD J . 26.88 27.32 -2.71
C11 2XD J . 26.28 29.33 -4.54
C7 2XD J . 22.38 26.00 -3.84
C8 2XD J . 22.98 27.00 -3.16
C8 2XD J . 23.07 27.01 -3.21
C9 2XD J . 24.79 28.53 -2.52
C9 2XD J . 25.18 28.28 -2.68
C10 2XD J . 26.03 28.00 -1.77
C10 2XD J . 25.54 29.64 -3.33
C12 2XD J . 28.27 27.00 -2.63
C12 2XD J . 27.39 29.98 -5.18
C13 2XD J . 26.44 26.82 -3.95
C13 2XD J . 26.01 28.17 -5.27
N1 2XD J . 28.65 26.34 -3.79
N1 2XD J . 27.77 29.25 -6.23
N2 2XD J . 27.52 26.24 -4.56
N2 2XD J . 26.94 28.16 -6.29
C3 2XD J . 20.11 22.86 -5.80
O1 2XD J . 20.55 26.17 -2.35
C2 2XD J . 18.87 22.41 -5.24
C1 2XD J . 18.42 23.02 -4.05
C 2XD J . 19.18 24.04 -3.44
O 2XD J . 18.74 24.61 -2.18
N 2XD J . 24.19 27.52 -3.44
N 2XD J . 24.33 27.45 -3.60
C4 2XD K . -9.33 2.73 16.38
C14 2XD K . -11.50 2.78 21.06
C5 2XD K . -8.06 2.82 17.09
C6 2XD K . -7.96 2.76 18.60
C11 2XD K . -12.24 3.20 23.47
C7 2XD K . -9.17 2.80 19.41
C8 2XD K . -9.10 2.72 20.73
C9 2XD K . -9.96 2.44 23.04
C10 2XD K . -10.86 3.30 23.96
C12 2XD K . -13.47 3.21 24.06
C13 2XD K . -12.48 2.96 22.11
N1 2XD K . -14.45 2.97 23.12
N2 2XD K . -13.76 2.85 21.96
C3 2XD K . -9.39 2.87 15.02
O1 2XD K . -6.79 2.74 19.15
C2 2XD K . -8.23 3.05 14.30
C1 2XD K . -6.97 3.09 14.92
C 2XD K . -6.90 3.02 16.32
O 2XD K . -5.74 3.22 16.99
N 2XD K . -10.13 2.75 21.57
C1 EDO L . -43.67 -14.15 -28.24
O1 EDO L . -44.80 -13.50 -27.67
C2 EDO L . -42.51 -13.16 -28.15
O2 EDO L . -41.96 -13.17 -26.83
C4 2XD M . -30.85 -22.11 -31.12
C14 2XD M . -34.82 -25.90 -31.35
C14 2XD M . -34.30 -26.28 -31.66
C5 2XD M . -31.41 -21.67 -32.41
C6 2XD M . -32.59 -22.32 -33.03
C11 2XD M . -37.27 -26.25 -32.00
C11 2XD M . -35.00 -28.17 -33.25
C7 2XD M . -33.11 -23.60 -32.54
C8 2XD M . -34.18 -24.18 -33.12
C8 2XD M . -34.19 -24.18 -33.13
C9 2XD M . -35.62 -26.09 -33.76
C9 2XD M . -35.97 -25.89 -33.58
C10 2XD M . -37.11 -25.93 -33.42
C10 2XD M . -35.75 -27.30 -34.19
C12 2XD M . -38.43 -26.62 -31.28
C12 2XD M . -34.77 -29.57 -33.28
C13 2XD M . -36.23 -26.26 -31.08
C13 2XD M . -34.36 -27.71 -32.10
N1 2XD M . -38.09 -26.85 -29.99
N1 2XD M . -34.02 -29.93 -32.22
N2 2XD M . -36.78 -26.63 -29.87
N2 2XD M . -33.78 -28.80 -31.50
C3 2XD M . -29.75 -21.46 -30.58
O1 2XD M . -33.08 -21.73 -34.07
C2 2XD M . -29.19 -20.34 -31.24
C1 2XD M . -29.72 -19.90 -32.51
C 2XD M . -30.81 -20.57 -33.08
O 2XD M . -31.36 -20.17 -34.33
N 2XD M . -34.73 -25.41 -32.77
N 2XD M . -34.78 -25.40 -32.80
C1 EDO N . -27.08 1.49 32.36
O1 EDO N . -27.20 1.01 33.68
C2 EDO N . -26.36 0.45 31.49
O2 EDO N . -27.16 -0.71 31.33
C4 2XD O . -15.83 -4.56 27.75
C14 2XD O . -11.46 -1.72 28.11
C14 2XD O . -11.62 -1.58 27.83
C5 2XD O . -16.23 -3.94 28.98
C6 2XD O . -15.43 -2.83 29.60
C11 2XD O . -9.49 -1.12 29.67
C11 2XD O . -10.17 0.53 27.75
C7 2XD O . -14.21 -2.43 28.99
C8 2XD O . -13.47 -1.44 29.60
C8 2XD O . -13.46 -1.43 29.57
C9 2XD O . -11.57 0.17 29.87
C9 2XD O . -11.51 0.08 29.83
C10 2XD O . -10.28 -0.32 30.60
C10 2XD O . -10.68 1.10 29.01
C12 2XD O . -8.11 -1.40 29.64
C12 2XD O . -9.20 1.04 26.84
C13 2XD O . -10.05 -1.79 28.56
C13 2XD O . -10.59 -0.68 27.25
N1 2XD O . -7.83 -2.22 28.58
N1 2XD O . -9.06 0.16 25.81
N2 2XD O . -9.01 -2.44 27.95
N2 2XD O . -9.89 -0.86 26.07
C3 2XD O . -16.57 -5.61 27.21
O1 2XD O . -15.87 -2.22 30.64
C2 2XD O . -17.74 -6.07 27.93
C1 2XD O . -18.13 -5.47 29.14
C 2XD O . -17.38 -4.40 29.67
O 2XD O . -17.72 -3.75 30.94
N 2XD O . -12.27 -0.95 29.12
N 2XD O . -12.28 -0.94 29.03
C1 EDO P . 25.62 15.21 6.23
O1 EDO P . 25.98 15.12 4.82
C2 EDO P . 26.25 14.08 7.06
O2 EDO P . 27.62 14.39 7.36
C1 EDO Q . 28.31 -8.80 8.57
O1 EDO Q . 28.30 -8.02 7.40
C2 EDO Q . 28.68 -10.20 8.18
O2 EDO Q . 30.07 -10.44 8.36
C4 2XD R . 27.71 1.92 8.79
C14 2XD R . 23.48 -1.29 8.04
C14 2XD R . 23.40 -1.10 8.24
C5 2XD R . 27.23 2.68 7.66
C6 2XD R . 25.95 2.36 7.05
C11 2XD R . 22.31 -2.56 6.15
C11 2XD R . 20.89 -1.47 7.92
C7 2XD R . 25.20 1.22 7.44
C8 2XD R . 24.00 0.96 6.86
C8 2XD R . 24.02 0.95 6.84
C9 2XD R . 21.83 -0.18 6.47
C9 2XD R . 22.22 -0.57 6.06
C10 2XD R . 21.81 -1.35 5.46
C10 2XD R . 20.80 -0.67 6.68
C12 2XD R . 22.20 -3.94 5.76
C12 2XD R . 19.89 -2.13 8.66
C13 2XD R . 23.06 -2.54 7.32
C13 2XD R . 22.09 -1.69 8.60
N1 2XD R . 22.85 -4.70 6.64
N1 2XD R . 20.44 -2.78 9.72
N2 2XD R . 23.37 -3.87 7.59
N2 2XD R . 21.77 -2.50 9.68
C3 2XD R . 28.92 2.20 9.32
O1 2XD R . 25.41 3.19 6.19
C2 2XD R . 29.78 3.28 8.82
C1 2XD R . 29.29 4.03 7.73
C 2XD R . 28.04 3.72 7.16
O 2XD R . 27.54 4.52 6.02
N 2XD R . 23.15 -0.10 7.15
N 2XD R . 23.21 -0.14 7.09
C1 EDO S . 26.18 23.80 -11.35
O1 EDO S . 25.29 24.59 -10.54
C2 EDO S . 26.21 24.45 -12.72
O2 EDO S . 27.42 24.11 -13.41
C4 2XD T . 27.90 31.83 -15.91
C14 2XD T . 25.45 31.79 -11.35
C5 2XD T . 29.11 31.98 -15.14
C6 2XD T . 29.07 31.88 -13.66
C11 2XD T . 24.52 32.11 -8.99
C7 2XD T . 27.82 31.91 -12.92
C8 2XD T . 27.87 31.81 -11.56
C9 2XD T . 26.81 31.43 -9.26
C10 2XD T . 25.81 32.21 -8.35
C12 2XD T . 23.25 32.07 -8.48
C13 2XD T . 24.39 31.87 -10.36
N1 2XD T . 22.38 31.77 -9.52
N2 2XD T . 23.13 31.68 -10.64
C3 2XD T . 27.96 32.04 -17.27
O1 2XD T . 30.20 31.81 -13.05
C2 2XD T . 29.22 32.29 -17.87
C1 2XD T . 30.37 32.38 -17.17
C 2XD T . 30.33 32.26 -15.79
O 2XD T . 31.46 32.47 -15.01
N 2XD T . 26.76 31.83 -10.72
C1 EDO U . -39.42 -37.21 -16.79
O1 EDO U . -40.11 -37.12 -15.54
C2 EDO U . -39.36 -38.71 -17.14
O2 EDO U . -40.66 -39.21 -17.53
C1 EDO V . -33.11 -26.73 -23.26
O1 EDO V . -33.63 -26.86 -21.94
C2 EDO V . -33.35 -25.40 -23.93
O2 EDO V . -32.99 -25.62 -25.29
C4 2XD W . -41.69 -25.59 -20.16
C14 2XD W . -40.84 -24.16 -25.00
C5 2XD W . -42.04 -26.87 -20.71
C6 2XD W . -41.81 -27.17 -22.13
C11 2XD W . -40.19 -23.81 -27.41
C7 2XD W . -41.44 -26.13 -23.04
C8 2XD W . -41.28 -26.47 -24.34
C9 2XD W . -40.64 -26.13 -26.71
C10 2XD W . -40.67 -25.16 -27.85
C12 2XD W . -39.54 -22.76 -28.15
C13 2XD W . -40.28 -23.38 -26.11
N1 2XD W . -39.27 -21.73 -27.30
N2 2XD W . -39.74 -22.13 -26.06
C3 2XD W . -41.95 -25.30 -18.80
O1 2XD W . -41.98 -28.39 -22.61
C2 2XD W . -42.54 -26.28 -17.98
C1 2XD W . -42.84 -27.54 -18.50
C 2XD W . -42.62 -27.84 -19.84
O 2XD W . -43.09 -29.03 -20.41
N 2XD W . -40.97 -25.59 -25.32
C1 EDO X . 26.33 -4.47 15.05
O1 EDO X . 25.70 -5.15 16.18
C2 EDO X . 25.62 -3.15 14.77
O2 EDO X . 25.89 -2.66 13.46
C4 2XD Y . 18.39 -3.61 19.26
C14 2XD Y . 18.88 -0.72 15.02
C5 2XD Y . 17.84 -4.63 18.35
C6 2XD Y . 17.86 -4.43 16.95
C11 2XD Y . 18.82 0.49 12.82
C7 2XD Y . 18.30 -3.20 16.35
C8 2XD Y . 18.20 -3.07 14.99
C9 2XD Y . 18.72 -1.93 12.77
C10 2XD Y . 18.22 -0.68 12.11
C12 2XD Y . 19.34 1.71 12.40
C13 2XD Y . 19.10 0.44 14.16
N1 2XD Y . 19.93 2.38 13.46
N2 2XD Y . 19.74 1.52 14.52
C3 2XD Y . 18.24 -3.80 20.61
O1 2XD Y . 17.47 -5.38 16.15
C2 2XD Y . 17.61 -4.96 21.15
C1 2XD Y . 17.11 -5.99 20.28
C 2XD Y . 17.22 -5.80 18.88
O 2XD Y . 16.62 -6.71 18.02
N 2XD Y . 18.55 -1.95 14.26
#